data_6YX8
#
_entry.id   6YX8
#
_cell.length_a   104.676
_cell.length_b   177.340
_cell.length_c   122.416
_cell.angle_alpha   90.000
_cell.angle_beta   90.000
_cell.angle_gamma   90.000
#
_symmetry.space_group_name_H-M   'C 2 2 21'
#
loop_
_entity.id
_entity.type
_entity.pdbx_description
1 polymer 'ALPHA SUBUNIT OF CYANOBACTERIAL ALLOPHYCOCYANIN PROTEIN'
2 polymer 'BETA SUBUNIT OF CYANOBACTERIAL ALLOPHYCOCYANIN PROTEIN'
3 non-polymer '3-[5-[[(3~{R},4~{R})-3-ethyl-4-methyl-5-oxidanylidene-3,4-dihydropyrrol-2-yl]methyl]-2-[[5-[(~{Z})-(4-ethyl-3-methyl-5-oxidanylidene-pyrrol-2-ylidene)methyl]-3-(3-hydroxy-3-oxopropyl)-4-methyl-1~{H}-pyrrol-2-yl]methyl]-4-methyl-1~{H}-pyrrol-3-yl]propanoic acid'
4 non-polymer (4S)-2-METHYL-2,4-PENTANEDIOL
5 non-polymer BICINE
6 non-polymer 'PENTAETHYLENE GLYCOL'
7 non-polymer 'TRIETHYLENE GLYCOL'
8 non-polymer DI(HYDROXYETHYL)ETHER
9 non-polymer 1,2-ETHANEDIOL
10 non-polymer 'TETRAETHYLENE GLYCOL'
11 non-polymer (4R)-2-METHYLPENTANE-2,4-DIOL
12 water water
#
loop_
_entity_poly.entity_id
_entity_poly.type
_entity_poly.pdbx_seq_one_letter_code
_entity_poly.pdbx_strand_id
1 'polypeptide(L)'
;SIVTKSIVNADAEARYLSPGELDRIKSFVSGGAQRLRIAQVLTDNRERIVKQAGDQLFQKRPDVVSPGGNAYGQEMTATC
LRDLDYYLRLVTYGIVAGDVTPIEEIGIVGVREMYKSLGTPIDAVAGGVAAMKSVAAGLLSAEDAGEAGAYFDYVVGAMQ
;
AAA,CCC,EEE
2 'polypeptide(L)'
;MQDAITSVINSSDVQGKYLDNAALEKLKGYFATGELRVRAATTISANAAAIVKEAVAKSLLYSDITRPGG(MEN)MYTTR
RYAACIRDLDYYLRYATYAMLAGDPSILDERVLNGLKETYNSLGVPVGATVQAIQAIKEVTASLVGPDAGKEMGVYFDYI
CSGLS
;
BBB,DDD,FFF
#
# COMPACT_ATOMS: atom_id res chain seq x y z
N SER A 1 -30.32 3.05 3.34
CA SER A 1 -31.65 2.47 3.61
C SER A 1 -31.51 1.12 4.32
N ILE A 2 -32.59 0.58 4.82
CA ILE A 2 -32.60 -0.79 5.41
C ILE A 2 -32.09 -1.81 4.36
N VAL A 3 -32.33 -1.54 3.08
CA VAL A 3 -31.93 -2.46 1.98
C VAL A 3 -30.40 -2.43 1.84
N THR A 4 -29.81 -1.26 1.69
CA THR A 4 -28.33 -1.08 1.65
C THR A 4 -27.68 -1.69 2.89
N LYS A 5 -28.24 -1.47 4.09
CA LYS A 5 -27.63 -1.94 5.36
C LYS A 5 -27.57 -3.47 5.35
N SER A 6 -28.67 -4.12 4.97
CA SER A 6 -28.76 -5.59 4.83
C SER A 6 -27.70 -6.07 3.82
N ILE A 7 -27.56 -5.39 2.69
CA ILE A 7 -26.62 -5.82 1.60
C ILE A 7 -25.18 -5.71 2.13
N VAL A 8 -24.86 -4.60 2.78
CA VAL A 8 -23.49 -4.30 3.27
C VAL A 8 -23.07 -5.37 4.30
N ASN A 9 -24.01 -5.75 5.19
CA ASN A 9 -23.80 -6.77 6.24
C ASN A 9 -23.57 -8.14 5.57
N ALA A 10 -24.41 -8.52 4.60
CA ALA A 10 -24.29 -9.77 3.82
C ALA A 10 -22.94 -9.79 3.08
N ASP A 11 -22.59 -8.70 2.40
CA ASP A 11 -21.35 -8.63 1.62
C ASP A 11 -20.12 -8.82 2.55
N ALA A 12 -20.16 -8.30 3.78
CA ALA A 12 -19.01 -8.37 4.71
C ALA A 12 -18.77 -9.83 5.14
N GLU A 13 -19.81 -10.67 5.15
CA GLU A 13 -19.74 -12.11 5.44
C GLU A 13 -19.85 -12.96 4.15
N ALA A 14 -19.62 -12.37 2.98
CA ALA A 14 -19.52 -13.06 1.67
C ALA A 14 -20.71 -13.97 1.45
N ARG A 15 -21.94 -13.50 1.69
CA ARG A 15 -23.14 -14.37 1.68
C ARG A 15 -24.35 -13.62 1.12
N TYR A 16 -25.36 -14.39 0.72
CA TYR A 16 -26.70 -13.87 0.34
C TYR A 16 -27.32 -13.35 1.63
N LEU A 17 -28.32 -12.48 1.48
CA LEU A 17 -29.13 -12.02 2.65
C LEU A 17 -29.71 -13.26 3.34
N SER A 18 -29.71 -13.24 4.66
CA SER A 18 -30.38 -14.25 5.50
C SER A 18 -31.88 -14.18 5.27
N PRO A 19 -32.63 -15.26 5.57
CA PRO A 19 -34.09 -15.24 5.51
C PRO A 19 -34.68 -14.13 6.42
N GLY A 20 -34.00 -13.85 7.53
CA GLY A 20 -34.39 -12.80 8.49
C GLY A 20 -34.24 -11.40 7.91
N GLU A 21 -33.10 -11.10 7.30
CA GLU A 21 -32.87 -9.83 6.56
C GLU A 21 -33.96 -9.65 5.49
N LEU A 22 -34.29 -10.70 4.71
CA LEU A 22 -35.26 -10.59 3.59
C LEU A 22 -36.65 -10.31 4.17
N ASP A 23 -36.98 -10.97 5.27
CA ASP A 23 -38.29 -10.81 5.96
C ASP A 23 -38.44 -9.36 6.49
N ARG A 24 -37.38 -8.78 7.04
CA ARG A 24 -37.37 -7.37 7.52
CA ARG A 24 -37.39 -7.37 7.52
C ARG A 24 -37.65 -6.43 6.35
N ILE A 25 -37.02 -6.68 5.19
CA ILE A 25 -37.24 -5.83 4.00
C ILE A 25 -38.72 -5.93 3.57
N LYS A 26 -39.28 -7.14 3.53
CA LYS A 26 -40.71 -7.31 3.16
C LYS A 26 -41.62 -6.54 4.14
N SER A 27 -41.33 -6.64 5.42
CA SER A 27 -42.13 -5.96 6.46
C SER A 27 -42.01 -4.42 6.31
N PHE A 28 -40.80 -3.93 6.13
CA PHE A 28 -40.53 -2.49 5.89
C PHE A 28 -41.33 -1.97 4.70
N VAL A 29 -41.23 -2.64 3.54
CA VAL A 29 -41.89 -2.10 2.31
C VAL A 29 -43.41 -2.17 2.48
N SER A 30 -43.93 -3.14 3.23
CA SER A 30 -45.40 -3.27 3.46
CA SER A 30 -45.39 -3.26 3.46
C SER A 30 -45.91 -2.09 4.31
N GLY A 31 -45.10 -1.60 5.25
CA GLY A 31 -45.41 -0.38 6.03
C GLY A 31 -45.03 0.94 5.33
N GLY A 32 -44.62 0.87 4.07
CA GLY A 32 -43.95 1.98 3.35
C GLY A 32 -44.84 3.20 3.22
N ALA A 33 -46.13 3.00 2.92
CA ALA A 33 -47.10 4.11 2.72
C ALA A 33 -47.23 4.93 4.02
N GLN A 34 -47.30 4.27 5.15
CA GLN A 34 -47.42 4.92 6.49
CA GLN A 34 -47.42 4.92 6.49
C GLN A 34 -46.16 5.78 6.74
N ARG A 35 -44.96 5.28 6.41
CA ARG A 35 -43.69 6.05 6.60
CA ARG A 35 -43.69 6.05 6.60
C ARG A 35 -43.70 7.29 5.69
N LEU A 36 -44.15 7.15 4.45
CA LEU A 36 -44.25 8.31 3.53
C LEU A 36 -45.22 9.35 4.11
N ARG A 37 -46.32 8.92 4.74
CA ARG A 37 -47.30 9.89 5.31
C ARG A 37 -46.64 10.61 6.50
N ILE A 38 -45.85 9.93 7.34
CA ILE A 38 -45.06 10.60 8.42
C ILE A 38 -44.18 11.71 7.80
N ALA A 39 -43.41 11.38 6.75
CA ALA A 39 -42.52 12.36 6.10
C ALA A 39 -43.36 13.53 5.59
N GLN A 40 -44.54 13.26 5.01
CA GLN A 40 -45.39 14.32 4.40
C GLN A 40 -45.92 15.26 5.50
N VAL A 41 -46.34 14.73 6.64
CA VAL A 41 -46.90 15.53 7.76
C VAL A 41 -45.79 16.41 8.34
N LEU A 42 -44.60 15.86 8.59
CA LEU A 42 -43.45 16.65 9.11
C LEU A 42 -43.08 17.72 8.07
N THR A 43 -43.10 17.40 6.79
CA THR A 43 -42.78 18.36 5.70
C THR A 43 -43.82 19.47 5.71
N ASP A 44 -45.11 19.13 5.80
CA ASP A 44 -46.21 20.12 5.74
C ASP A 44 -46.11 21.09 6.94
N ASN A 45 -45.58 20.63 8.08
CA ASN A 45 -45.50 21.38 9.35
C ASN A 45 -44.06 21.86 9.63
N ARG A 46 -43.19 21.96 8.63
CA ARG A 46 -41.74 22.21 8.89
CA ARG A 46 -41.74 22.22 8.87
C ARG A 46 -41.57 23.60 9.52
N GLU A 47 -42.34 24.60 9.10
CA GLU A 47 -42.18 26.00 9.59
C GLU A 47 -42.52 26.03 11.07
N ARG A 48 -43.62 25.38 11.42
CA ARG A 48 -44.14 25.29 12.80
C ARG A 48 -43.13 24.54 13.68
N ILE A 49 -42.65 23.40 13.19
CA ILE A 49 -41.72 22.52 13.97
C ILE A 49 -40.45 23.29 14.27
N VAL A 50 -39.85 23.92 13.26
CA VAL A 50 -38.57 24.65 13.42
C VAL A 50 -38.79 25.88 14.33
N LYS A 51 -39.81 26.70 14.08
CA LYS A 51 -40.09 27.94 14.86
C LYS A 51 -40.32 27.61 16.34
N GLN A 52 -41.20 26.63 16.63
CA GLN A 52 -41.58 26.30 18.01
C GLN A 52 -40.38 25.64 18.72
N ALA A 53 -39.60 24.82 18.01
CA ALA A 53 -38.39 24.18 18.58
C ALA A 53 -37.36 25.29 18.90
N GLY A 54 -37.20 26.26 18.01
CA GLY A 54 -36.32 27.41 18.22
C GLY A 54 -36.68 28.13 19.51
N ASP A 55 -37.97 28.43 19.69
CA ASP A 55 -38.46 29.16 20.90
C ASP A 55 -38.13 28.35 22.15
N GLN A 56 -38.34 27.04 22.13
CA GLN A 56 -38.04 26.14 23.27
C GLN A 56 -36.53 26.19 23.54
N LEU A 57 -35.69 26.09 22.50
CA LEU A 57 -34.22 26.06 22.67
C LEU A 57 -33.78 27.36 23.32
N PHE A 58 -34.25 28.51 22.83
CA PHE A 58 -33.77 29.83 23.27
C PHE A 58 -34.24 30.11 24.70
N GLN A 59 -35.34 29.49 25.14
CA GLN A 59 -35.82 29.61 26.55
CA GLN A 59 -35.81 29.61 26.55
C GLN A 59 -34.87 28.83 27.49
N LYS A 60 -34.37 27.65 27.05
CA LYS A 60 -33.53 26.78 27.91
C LYS A 60 -32.05 27.10 27.75
N ARG A 61 -31.66 27.70 26.64
CA ARG A 61 -30.26 28.07 26.34
C ARG A 61 -30.23 29.55 25.94
N PRO A 62 -30.61 30.45 26.87
CA PRO A 62 -30.58 31.89 26.59
C PRO A 62 -29.19 32.43 26.22
N ASP A 63 -28.13 31.71 26.60
CA ASP A 63 -26.71 32.05 26.30
C ASP A 63 -26.50 32.18 24.79
N VAL A 64 -27.12 31.33 23.97
CA VAL A 64 -26.78 31.31 22.52
C VAL A 64 -27.42 32.53 21.83
N VAL A 65 -28.42 33.16 22.42
CA VAL A 65 -29.09 34.34 21.81
C VAL A 65 -28.87 35.58 22.70
N SER A 66 -27.83 35.53 23.55
CA SER A 66 -27.41 36.67 24.42
C SER A 66 -26.11 37.20 23.86
N PRO A 67 -25.65 38.39 24.31
CA PRO A 67 -24.35 38.91 23.89
C PRO A 67 -23.25 37.85 24.07
N GLY A 68 -22.39 37.73 23.06
CA GLY A 68 -21.33 36.70 22.99
C GLY A 68 -21.79 35.38 22.38
N GLY A 69 -23.10 35.14 22.32
CA GLY A 69 -23.66 33.86 21.87
C GLY A 69 -23.56 33.69 20.37
N ASN A 70 -23.47 32.43 19.92
CA ASN A 70 -23.25 32.12 18.48
C ASN A 70 -24.47 32.56 17.64
N ALA A 71 -25.69 32.57 18.20
CA ALA A 71 -26.94 32.93 17.48
C ALA A 71 -27.42 34.35 17.85
N TYR A 72 -26.58 35.19 18.41
CA TYR A 72 -27.02 36.52 18.90
C TYR A 72 -27.32 37.44 17.72
N GLY A 73 -28.46 38.08 17.69
CA GLY A 73 -28.87 39.00 16.60
C GLY A 73 -29.74 38.30 15.56
N GLN A 74 -30.52 39.10 14.84
CA GLN A 74 -31.58 38.61 13.91
C GLN A 74 -30.97 37.69 12.84
N GLU A 75 -29.83 38.06 12.25
CA GLU A 75 -29.25 37.29 11.12
C GLU A 75 -28.72 35.93 11.60
N MET A 76 -28.01 35.89 12.75
CA MET A 76 -27.42 34.64 13.27
CA MET A 76 -27.42 34.64 13.27
C MET A 76 -28.55 33.74 13.79
N THR A 77 -29.58 34.32 14.42
CA THR A 77 -30.77 33.55 14.85
C THR A 77 -31.41 32.86 13.62
N ALA A 78 -31.56 33.58 12.50
CA ALA A 78 -32.15 33.05 11.26
C ALA A 78 -31.30 31.89 10.76
N THR A 79 -29.97 32.02 10.84
CA THR A 79 -29.08 30.95 10.32
C THR A 79 -29.24 29.72 11.21
N CYS A 80 -29.37 29.93 12.52
CA CYS A 80 -29.59 28.85 13.49
C CYS A 80 -30.86 28.08 13.11
N LEU A 81 -31.96 28.76 12.80
CA LEU A 81 -33.23 28.08 12.44
C LEU A 81 -33.04 27.39 11.08
N ARG A 82 -32.27 27.95 10.16
CA ARG A 82 -31.95 27.29 8.86
C ARG A 82 -31.32 25.91 9.15
N ASP A 83 -30.36 25.83 10.07
CA ASP A 83 -29.70 24.55 10.43
C ASP A 83 -30.73 23.56 11.00
N LEU A 84 -31.65 24.02 11.85
CA LEU A 84 -32.71 23.10 12.40
C LEU A 84 -33.57 22.58 11.23
N ASP A 85 -33.88 23.44 10.25
CA ASP A 85 -34.64 23.03 9.06
C ASP A 85 -33.85 21.96 8.27
N TYR A 86 -32.52 22.14 8.09
CA TYR A 86 -31.66 21.11 7.50
C TYR A 86 -31.86 19.77 8.25
N TYR A 87 -31.79 19.76 9.57
CA TYR A 87 -31.84 18.49 10.35
C TYR A 87 -33.24 17.88 10.29
N LEU A 88 -34.31 18.68 10.30
CA LEU A 88 -35.68 18.18 10.12
C LEU A 88 -35.77 17.46 8.77
N ARG A 89 -35.23 18.07 7.72
CA ARG A 89 -35.21 17.47 6.35
C ARG A 89 -34.48 16.12 6.41
N LEU A 90 -33.28 16.07 7.02
CA LEU A 90 -32.51 14.79 7.07
C LEU A 90 -33.31 13.73 7.85
N VAL A 91 -34.01 14.10 8.91
CA VAL A 91 -34.84 13.17 9.71
C VAL A 91 -35.95 12.57 8.82
N THR A 92 -36.59 13.35 7.94
CA THR A 92 -37.61 12.82 6.98
C THR A 92 -36.96 11.81 6.04
N TYR A 93 -35.71 12.03 5.61
CA TYR A 93 -34.94 11.07 4.76
C TYR A 93 -34.73 9.75 5.51
N GLY A 94 -34.29 9.82 6.77
CA GLY A 94 -34.09 8.60 7.57
C GLY A 94 -35.36 7.79 7.72
N ILE A 95 -36.46 8.48 8.02
CA ILE A 95 -37.78 7.83 8.24
C ILE A 95 -38.18 7.02 7.00
N VAL A 96 -38.11 7.58 5.79
CA VAL A 96 -38.51 6.82 4.57
C VAL A 96 -37.50 5.72 4.25
N ALA A 97 -36.25 5.83 4.70
CA ALA A 97 -35.16 4.89 4.35
C ALA A 97 -35.17 3.70 5.30
N GLY A 98 -35.76 3.84 6.50
CA GLY A 98 -35.68 2.81 7.56
C GLY A 98 -34.30 2.65 8.14
N ASP A 99 -33.42 3.64 7.98
CA ASP A 99 -32.01 3.55 8.41
C ASP A 99 -31.41 4.95 8.57
N VAL A 100 -30.42 5.13 9.44
CA VAL A 100 -29.87 6.49 9.77
C VAL A 100 -28.75 6.85 8.78
N THR A 101 -28.36 5.94 7.89
CA THR A 101 -27.12 6.19 7.09
C THR A 101 -27.24 7.47 6.27
N PRO A 102 -28.39 7.80 5.64
CA PRO A 102 -28.53 9.06 4.91
C PRO A 102 -28.32 10.28 5.81
N ILE A 103 -28.77 10.18 7.06
CA ILE A 103 -28.54 11.26 8.04
C ILE A 103 -27.03 11.36 8.33
N GLU A 104 -26.40 10.22 8.64
CA GLU A 104 -24.96 10.15 8.97
C GLU A 104 -24.10 10.79 7.85
N GLU A 105 -24.39 10.40 6.62
CA GLU A 105 -23.54 10.76 5.46
C GLU A 105 -23.70 12.25 5.10
N ILE A 106 -24.86 12.87 5.34
CA ILE A 106 -25.11 14.29 4.96
C ILE A 106 -24.76 15.20 6.14
N GLY A 107 -25.19 14.85 7.38
CA GLY A 107 -25.22 15.80 8.49
C GLY A 107 -24.42 15.42 9.74
N ILE A 108 -23.76 14.26 9.78
CA ILE A 108 -23.08 13.85 11.06
C ILE A 108 -21.57 13.70 10.86
N VAL A 109 -21.09 13.03 9.82
CA VAL A 109 -19.61 12.87 9.63
C VAL A 109 -18.97 14.26 9.59
N GLY A 110 -18.00 14.55 10.46
CA GLY A 110 -17.34 15.88 10.47
C GLY A 110 -18.14 16.99 11.16
N VAL A 111 -19.32 16.69 11.76
CA VAL A 111 -20.20 17.76 12.30
C VAL A 111 -19.51 18.47 13.47
N ARG A 112 -18.78 17.76 14.32
CA ARG A 112 -18.06 18.39 15.45
C ARG A 112 -17.02 19.39 14.94
N GLU A 113 -16.28 19.04 13.90
CA GLU A 113 -15.24 19.90 13.28
C GLU A 113 -15.90 21.16 12.69
N MET A 114 -17.01 21.01 11.96
CA MET A 114 -17.72 22.18 11.37
C MET A 114 -18.15 23.15 12.49
N TYR A 115 -18.91 22.66 13.47
CA TYR A 115 -19.48 23.56 14.49
C TYR A 115 -18.36 24.14 15.36
N LYS A 116 -17.31 23.38 15.67
CA LYS A 116 -16.14 23.92 16.41
C LYS A 116 -15.49 25.10 15.65
N SER A 117 -15.29 24.98 14.34
CA SER A 117 -14.76 26.09 13.50
C SER A 117 -15.66 27.33 13.60
N LEU A 118 -16.98 27.12 13.52
CA LEU A 118 -17.96 28.23 13.52
C LEU A 118 -18.09 28.84 14.92
N GLY A 119 -17.66 28.13 15.97
CA GLY A 119 -17.87 28.57 17.36
C GLY A 119 -19.27 28.26 17.87
N THR A 120 -20.01 27.38 17.19
CA THR A 120 -21.39 26.97 17.60
C THR A 120 -21.31 25.89 18.66
N PRO A 121 -21.94 26.07 19.84
CA PRO A 121 -21.96 25.01 20.85
C PRO A 121 -22.84 23.82 20.43
N ILE A 122 -22.20 22.69 20.14
CA ILE A 122 -22.92 21.56 19.49
C ILE A 122 -23.95 20.91 20.45
N ASP A 123 -23.76 21.05 21.77
CA ASP A 123 -24.76 20.61 22.78
C ASP A 123 -26.07 21.42 22.64
N ALA A 124 -26.00 22.69 22.22
CA ALA A 124 -27.21 23.53 21.98
C ALA A 124 -27.86 23.12 20.66
N VAL A 125 -27.09 22.75 19.62
CA VAL A 125 -27.67 22.22 18.36
C VAL A 125 -28.46 20.94 18.70
N ALA A 126 -27.86 20.03 19.47
CA ALA A 126 -28.53 18.79 19.94
C ALA A 126 -29.82 19.15 20.69
N GLY A 127 -29.78 20.16 21.55
CA GLY A 127 -30.96 20.66 22.29
C GLY A 127 -32.06 21.12 21.34
N GLY A 128 -31.69 21.80 20.25
CA GLY A 128 -32.67 22.23 19.24
C GLY A 128 -33.28 21.04 18.52
N VAL A 129 -32.49 20.03 18.22
CA VAL A 129 -33.03 18.80 17.53
C VAL A 129 -33.97 18.05 18.51
N ALA A 130 -33.62 17.96 19.79
CA ALA A 130 -34.49 17.34 20.83
C ALA A 130 -35.81 18.13 20.93
N ALA A 131 -35.74 19.46 20.83
CA ALA A 131 -36.96 20.31 20.84
C ALA A 131 -37.83 19.98 19.63
N MET A 132 -37.23 19.82 18.45
CA MET A 132 -38.00 19.47 17.22
C MET A 132 -38.69 18.13 17.43
N LYS A 133 -38.05 17.16 18.07
CA LYS A 133 -38.66 15.85 18.34
C LYS A 133 -39.95 16.03 19.14
N SER A 134 -39.92 16.85 20.19
CA SER A 134 -41.09 17.01 21.07
C SER A 134 -42.22 17.71 20.30
N VAL A 135 -41.93 18.70 19.47
CA VAL A 135 -42.97 19.38 18.65
C VAL A 135 -43.50 18.40 17.58
N ALA A 136 -42.63 17.71 16.87
CA ALA A 136 -43.02 16.75 15.82
C ALA A 136 -43.95 15.68 16.41
N ALA A 137 -43.62 15.19 17.59
CA ALA A 137 -44.38 14.11 18.28
C ALA A 137 -45.84 14.53 18.47
N GLY A 138 -46.09 15.81 18.74
CA GLY A 138 -47.45 16.38 18.92
C GLY A 138 -48.31 16.30 17.66
N LEU A 139 -47.73 16.05 16.48
CA LEU A 139 -48.45 16.04 15.18
C LEU A 139 -48.66 14.61 14.68
N LEU A 140 -48.20 13.61 15.43
CA LEU A 140 -48.18 12.20 14.97
C LEU A 140 -48.92 11.33 16.00
N SER A 141 -49.47 10.20 15.55
CA SER A 141 -49.94 9.07 16.40
C SER A 141 -48.79 8.66 17.32
N ALA A 142 -49.09 8.01 18.45
CA ALA A 142 -48.09 7.47 19.41
C ALA A 142 -47.08 6.57 18.67
N GLU A 143 -47.56 5.68 17.80
CA GLU A 143 -46.71 4.70 17.03
CA GLU A 143 -46.68 4.72 17.07
C GLU A 143 -45.77 5.51 16.12
N ASP A 144 -46.32 6.46 15.36
CA ASP A 144 -45.57 7.29 14.37
C ASP A 144 -44.54 8.18 15.10
N ALA A 145 -44.88 8.76 16.25
CA ALA A 145 -43.98 9.57 17.08
C ALA A 145 -42.83 8.72 17.60
N GLY A 146 -43.09 7.47 17.95
CA GLY A 146 -42.04 6.52 18.40
C GLY A 146 -41.04 6.26 17.28
N GLU A 147 -41.53 6.06 16.06
CA GLU A 147 -40.68 5.81 14.87
CA GLU A 147 -40.68 5.81 14.86
C GLU A 147 -39.88 7.08 14.53
N ALA A 148 -40.53 8.23 14.40
CA ALA A 148 -39.86 9.51 14.08
C ALA A 148 -38.83 9.82 15.17
N GLY A 149 -39.20 9.62 16.44
CA GLY A 149 -38.37 9.94 17.61
C GLY A 149 -37.03 9.23 17.57
N ALA A 150 -36.97 8.01 17.04
CA ALA A 150 -35.72 7.23 16.95
C ALA A 150 -34.70 7.94 16.05
N TYR A 151 -35.16 8.64 15.01
CA TYR A 151 -34.28 9.38 14.07
C TYR A 151 -33.77 10.67 14.72
N PHE A 152 -34.66 11.44 15.37
CA PHE A 152 -34.24 12.61 16.17
C PHE A 152 -33.22 12.18 17.22
N ASP A 153 -33.49 11.09 17.94
CA ASP A 153 -32.61 10.59 19.04
C ASP A 153 -31.24 10.23 18.49
N TYR A 154 -31.17 9.68 17.27
CA TYR A 154 -29.87 9.34 16.64
C TYR A 154 -29.06 10.62 16.46
N VAL A 155 -29.69 11.69 15.94
CA VAL A 155 -28.96 12.97 15.71
C VAL A 155 -28.47 13.52 17.06
N VAL A 156 -29.36 13.58 18.05
CA VAL A 156 -29.02 14.13 19.39
C VAL A 156 -27.83 13.34 19.97
N GLY A 157 -27.89 12.00 19.93
CA GLY A 157 -26.83 11.13 20.45
C GLY A 157 -25.52 11.30 19.69
N ALA A 158 -25.57 11.49 18.38
CA ALA A 158 -24.34 11.66 17.55
C ALA A 158 -23.66 13.01 17.80
N MET A 159 -24.34 13.99 18.38
CA MET A 159 -23.79 15.34 18.69
C MET A 159 -23.34 15.48 20.16
N GLN A 160 -23.34 14.44 20.99
CA GLN A 160 -23.23 14.62 22.49
C GLN A 160 -21.76 14.50 22.92
N MET B 1 -22.51 2.92 -2.03
CA MET B 1 -23.53 2.48 -2.98
C MET B 1 -24.82 3.25 -2.69
N GLN B 2 -25.71 3.33 -3.67
CA GLN B 2 -27.09 3.75 -3.41
C GLN B 2 -28.03 2.61 -3.82
N ASP B 3 -29.24 2.67 -3.27
CA ASP B 3 -30.38 1.82 -3.68
C ASP B 3 -31.44 2.77 -4.25
N ALA B 4 -32.63 2.27 -4.59
CA ALA B 4 -33.72 3.08 -5.20
C ALA B 4 -34.21 4.13 -4.18
N ILE B 5 -34.12 3.85 -2.88
CA ILE B 5 -34.55 4.79 -1.81
C ILE B 5 -33.51 5.92 -1.68
N THR B 6 -32.22 5.58 -1.54
CA THR B 6 -31.17 6.60 -1.34
C THR B 6 -30.93 7.37 -2.64
N SER B 7 -31.27 6.81 -3.79
CA SER B 7 -31.19 7.55 -5.08
C SER B 7 -32.15 8.74 -5.04
N VAL B 8 -33.38 8.52 -4.56
CA VAL B 8 -34.39 9.60 -4.42
C VAL B 8 -33.91 10.58 -3.35
N ILE B 9 -33.44 10.10 -2.21
CA ILE B 9 -32.94 11.00 -1.14
C ILE B 9 -31.79 11.85 -1.69
N ASN B 10 -30.83 11.23 -2.38
CA ASN B 10 -29.63 11.95 -2.88
C ASN B 10 -30.03 13.03 -3.88
N SER B 11 -30.99 12.74 -4.75
CA SER B 11 -31.53 13.68 -5.75
C SER B 11 -32.26 14.86 -5.07
N SER B 12 -32.96 14.62 -3.96
CA SER B 12 -33.64 15.69 -3.18
C SER B 12 -32.60 16.52 -2.44
N ASP B 13 -31.63 15.87 -1.81
CA ASP B 13 -30.61 16.53 -0.96
C ASP B 13 -29.73 17.48 -1.78
N VAL B 14 -29.32 17.09 -2.98
CA VAL B 14 -28.45 17.95 -3.84
C VAL B 14 -29.22 19.23 -4.25
N GLN B 15 -30.55 19.22 -4.23
CA GLN B 15 -31.39 20.43 -4.50
C GLN B 15 -31.82 21.08 -3.19
N GLY B 16 -31.48 20.54 -2.02
CA GLY B 16 -31.91 21.12 -0.73
C GLY B 16 -33.42 20.99 -0.49
N LYS B 17 -34.07 19.97 -1.05
CA LYS B 17 -35.55 19.85 -1.02
CA LYS B 17 -35.54 19.85 -1.02
CA LYS B 17 -35.55 19.84 -1.03
C LYS B 17 -35.98 18.73 -0.07
N TYR B 18 -37.05 18.98 0.64
CA TYR B 18 -37.86 17.97 1.33
C TYR B 18 -38.45 17.09 0.21
N LEU B 19 -38.87 15.88 0.55
CA LEU B 19 -39.46 14.93 -0.40
C LEU B 19 -40.77 15.51 -0.95
N ASP B 20 -40.84 15.75 -2.24
CA ASP B 20 -42.05 16.29 -2.91
C ASP B 20 -42.89 15.14 -3.48
N ASN B 21 -43.96 15.48 -4.22
CA ASN B 21 -44.90 14.50 -4.80
C ASN B 21 -44.12 13.47 -5.64
N ALA B 22 -43.22 13.93 -6.53
CA ALA B 22 -42.48 13.03 -7.45
C ALA B 22 -41.61 12.07 -6.62
N ALA B 23 -40.90 12.58 -5.61
CA ALA B 23 -40.04 11.75 -4.73
C ALA B 23 -40.87 10.69 -4.03
N LEU B 24 -42.02 11.07 -3.43
CA LEU B 24 -42.88 10.11 -2.69
C LEU B 24 -43.46 9.06 -3.65
N GLU B 25 -43.85 9.45 -4.85
CA GLU B 25 -44.41 8.53 -5.88
C GLU B 25 -43.32 7.55 -6.30
N LYS B 26 -42.07 7.99 -6.46
CA LYS B 26 -40.95 7.11 -6.87
C LYS B 26 -40.69 6.10 -5.75
N LEU B 27 -40.67 6.55 -4.50
CA LEU B 27 -40.49 5.61 -3.34
C LEU B 27 -41.63 4.59 -3.31
N LYS B 28 -42.86 5.01 -3.51
CA LYS B 28 -44.04 4.10 -3.56
C LYS B 28 -43.84 3.06 -4.65
N GLY B 29 -43.34 3.47 -5.80
CA GLY B 29 -43.06 2.57 -6.94
C GLY B 29 -42.10 1.46 -6.54
N TYR B 30 -41.04 1.79 -5.82
CA TYR B 30 -40.06 0.80 -5.32
C TYR B 30 -40.70 -0.09 -4.25
N PHE B 31 -41.37 0.49 -3.24
CA PHE B 31 -42.01 -0.30 -2.14
C PHE B 31 -43.00 -1.32 -2.72
N ALA B 32 -43.75 -0.94 -3.77
CA ALA B 32 -44.71 -1.84 -4.45
C ALA B 32 -44.02 -3.03 -5.12
N THR B 33 -42.71 -3.00 -5.40
CA THR B 33 -41.95 -4.10 -6.08
C THR B 33 -41.17 -4.96 -5.07
N GLY B 34 -41.13 -4.56 -3.81
CA GLY B 34 -40.14 -5.06 -2.84
C GLY B 34 -40.31 -6.54 -2.60
N GLU B 35 -41.54 -7.00 -2.38
CA GLU B 35 -41.84 -8.43 -2.16
C GLU B 35 -41.42 -9.23 -3.41
N LEU B 36 -41.68 -8.73 -4.63
CA LEU B 36 -41.26 -9.44 -5.88
C LEU B 36 -39.74 -9.55 -5.94
N ARG B 37 -39.01 -8.52 -5.48
CA ARG B 37 -37.53 -8.57 -5.49
C ARG B 37 -37.09 -9.61 -4.46
N VAL B 38 -37.71 -9.63 -3.28
CA VAL B 38 -37.35 -10.57 -2.19
C VAL B 38 -37.63 -12.01 -2.66
N ARG B 39 -38.74 -12.24 -3.36
CA ARG B 39 -39.14 -13.56 -3.90
C ARG B 39 -38.03 -14.06 -4.84
N ALA B 40 -37.61 -13.22 -5.78
CA ALA B 40 -36.58 -13.58 -6.79
C ALA B 40 -35.26 -13.86 -6.06
N ALA B 41 -34.90 -13.05 -5.07
CA ALA B 41 -33.64 -13.20 -4.29
C ALA B 41 -33.65 -14.54 -3.52
N THR B 42 -34.78 -14.94 -2.96
CA THR B 42 -34.91 -16.22 -2.19
C THR B 42 -34.71 -17.41 -3.14
N THR B 43 -35.33 -17.37 -4.32
CA THR B 43 -35.18 -18.44 -5.36
C THR B 43 -33.73 -18.54 -5.84
N ILE B 44 -33.08 -17.42 -6.16
CA ILE B 44 -31.66 -17.40 -6.62
C ILE B 44 -30.75 -18.00 -5.52
N SER B 45 -30.89 -17.51 -4.29
CA SER B 45 -30.09 -17.95 -3.13
C SER B 45 -30.18 -19.49 -2.98
N ALA B 46 -31.39 -20.03 -3.06
CA ALA B 46 -31.65 -21.47 -2.85
C ALA B 46 -31.04 -22.29 -4.01
N ASN B 47 -30.77 -21.69 -5.17
CA ASN B 47 -30.35 -22.39 -6.40
C ASN B 47 -28.98 -21.89 -6.89
N ALA B 48 -28.20 -21.20 -6.07
CA ALA B 48 -27.04 -20.41 -6.53
C ALA B 48 -25.97 -21.33 -7.14
N ALA B 49 -25.63 -22.43 -6.47
CA ALA B 49 -24.61 -23.38 -6.98
C ALA B 49 -25.11 -24.03 -8.28
N ALA B 50 -26.39 -24.39 -8.36
CA ALA B 50 -27.01 -25.06 -9.53
C ALA B 50 -27.04 -24.11 -10.73
N ILE B 51 -27.28 -22.81 -10.49
CA ILE B 51 -27.31 -21.81 -11.62
C ILE B 51 -25.94 -21.73 -12.26
N VAL B 52 -24.90 -21.60 -11.44
CA VAL B 52 -23.51 -21.52 -11.94
C VAL B 52 -23.14 -22.82 -12.64
N LYS B 53 -23.44 -23.98 -12.04
CA LYS B 53 -23.11 -25.29 -12.66
C LYS B 53 -23.71 -25.37 -14.07
N GLU B 54 -25.00 -25.04 -14.22
CA GLU B 54 -25.66 -25.17 -15.55
C GLU B 54 -25.07 -24.17 -16.55
N ALA B 55 -24.83 -22.93 -16.13
CA ALA B 55 -24.22 -21.87 -16.98
C ALA B 55 -22.84 -22.35 -17.48
N VAL B 56 -22.02 -22.94 -16.59
CA VAL B 56 -20.67 -23.43 -16.93
C VAL B 56 -20.79 -24.57 -17.95
N ALA B 57 -21.72 -25.51 -17.72
CA ALA B 57 -21.92 -26.68 -18.60
C ALA B 57 -22.33 -26.21 -20.02
N LYS B 58 -23.11 -25.14 -20.14
CA LYS B 58 -23.60 -24.63 -21.45
C LYS B 58 -22.57 -23.73 -22.13
N SER B 59 -21.63 -23.10 -21.42
CA SER B 59 -20.82 -22.03 -22.04
C SER B 59 -19.32 -22.33 -22.03
N LEU B 60 -18.79 -23.20 -21.17
CA LEU B 60 -17.32 -23.29 -20.97
C LEU B 60 -16.79 -24.73 -21.10
N LEU B 61 -17.51 -25.74 -20.68
CA LEU B 61 -16.95 -27.12 -20.51
C LEU B 61 -16.67 -27.78 -21.87
N TYR B 62 -15.74 -28.72 -21.89
CA TYR B 62 -15.41 -29.56 -23.07
C TYR B 62 -14.96 -28.65 -24.22
N SER B 63 -14.15 -27.64 -23.91
CA SER B 63 -13.64 -26.69 -24.92
C SER B 63 -12.15 -26.52 -24.71
N ASP B 64 -11.50 -25.71 -25.56
CA ASP B 64 -10.06 -25.43 -25.39
C ASP B 64 -9.84 -24.73 -24.04
N ILE B 65 -10.84 -24.09 -23.48
CA ILE B 65 -10.68 -23.25 -22.26
C ILE B 65 -10.39 -24.18 -21.05
N THR B 66 -10.93 -25.39 -20.99
CA THR B 66 -10.73 -26.30 -19.82
C THR B 66 -9.58 -27.28 -20.09
N ARG B 67 -9.12 -27.42 -21.34
CA ARG B 67 -8.04 -28.34 -21.71
C ARG B 67 -6.70 -27.66 -21.43
N PRO B 68 -5.59 -28.42 -21.29
CA PRO B 68 -4.25 -27.82 -21.15
C PRO B 68 -4.06 -26.69 -22.18
N GLY B 69 -3.51 -25.58 -21.72
CA GLY B 69 -3.33 -24.34 -22.50
C GLY B 69 -4.51 -23.38 -22.41
N GLY B 70 -5.64 -23.80 -21.87
CA GLY B 70 -6.77 -22.89 -21.67
C GLY B 70 -6.76 -22.28 -20.28
N MET B 72 -8.96 -22.09 -17.96
CA MET B 72 -9.64 -22.80 -16.88
C MET B 72 -8.94 -24.12 -16.57
N TYR B 73 -7.81 -24.40 -17.21
CA TYR B 73 -7.02 -25.61 -16.91
C TYR B 73 -6.25 -25.39 -15.59
N THR B 74 -6.05 -26.47 -14.85
CA THR B 74 -5.60 -26.54 -13.42
C THR B 74 -6.82 -26.32 -12.53
N THR B 75 -6.91 -27.10 -11.43
CA THR B 75 -8.03 -27.02 -10.48
C THR B 75 -8.09 -25.60 -9.89
N ARG B 76 -6.95 -24.94 -9.73
CA ARG B 76 -6.88 -23.61 -9.10
C ARG B 76 -7.62 -22.63 -10.00
N ARG B 77 -7.38 -22.67 -11.30
CA ARG B 77 -8.02 -21.70 -12.25
CA ARG B 77 -8.02 -21.70 -12.25
C ARG B 77 -9.49 -22.08 -12.44
N TYR B 78 -9.81 -23.37 -12.51
CA TYR B 78 -11.22 -23.79 -12.62
C TYR B 78 -11.97 -23.16 -11.43
N ALA B 79 -11.45 -23.35 -10.23
CA ALA B 79 -12.09 -22.89 -8.97
C ALA B 79 -12.17 -21.38 -8.91
N ALA B 80 -11.15 -20.65 -9.36
CA ALA B 80 -11.16 -19.16 -9.38
C ALA B 80 -12.29 -18.71 -10.31
N CYS B 81 -12.42 -19.35 -11.46
CA CYS B 81 -13.43 -18.98 -12.48
C CYS B 81 -14.84 -19.19 -11.92
N ILE B 82 -15.15 -20.32 -11.30
CA ILE B 82 -16.54 -20.53 -10.80
C ILE B 82 -16.76 -19.62 -9.57
N ARG B 83 -15.71 -19.30 -8.81
CA ARG B 83 -15.80 -18.30 -7.71
C ARG B 83 -16.20 -16.94 -8.32
N ASP B 84 -15.59 -16.54 -9.43
CA ASP B 84 -15.95 -15.25 -10.08
C ASP B 84 -17.42 -15.28 -10.50
N LEU B 85 -17.91 -16.43 -11.02
CA LEU B 85 -19.31 -16.53 -11.45
C LEU B 85 -20.22 -16.48 -10.23
N ASP B 86 -19.81 -17.10 -9.11
CA ASP B 86 -20.57 -17.02 -7.83
C ASP B 86 -20.66 -15.54 -7.43
N TYR B 87 -19.56 -14.79 -7.54
CA TYR B 87 -19.53 -13.34 -7.21
C TYR B 87 -20.53 -12.60 -8.10
N TYR B 88 -20.51 -12.80 -9.43
CA TYR B 88 -21.40 -12.06 -10.37
C TYR B 88 -22.85 -12.34 -10.00
N LEU B 89 -23.20 -13.59 -9.68
CA LEU B 89 -24.60 -13.92 -9.36
C LEU B 89 -25.01 -13.25 -8.03
N ARG B 90 -24.15 -13.30 -7.03
CA ARG B 90 -24.44 -12.76 -5.68
C ARG B 90 -24.58 -11.23 -5.81
N TYR B 91 -23.65 -10.54 -6.48
CA TYR B 91 -23.68 -9.07 -6.62
C TYR B 91 -24.84 -8.61 -7.52
N ALA B 92 -25.17 -9.32 -8.60
CA ALA B 92 -26.35 -9.00 -9.42
C ALA B 92 -27.62 -9.12 -8.58
N THR B 93 -27.68 -10.09 -7.66
CA THR B 93 -28.86 -10.29 -6.80
C THR B 93 -28.95 -9.10 -5.81
N TYR B 94 -27.85 -8.69 -5.21
CA TYR B 94 -27.80 -7.46 -4.37
C TYR B 94 -28.35 -6.26 -5.18
N ALA B 95 -27.86 -6.05 -6.40
CA ALA B 95 -28.21 -4.89 -7.27
C ALA B 95 -29.71 -4.92 -7.58
N MET B 96 -30.26 -6.11 -7.79
CA MET B 96 -31.69 -6.30 -8.08
C MET B 96 -32.51 -5.96 -6.83
N LEU B 97 -32.10 -6.41 -5.64
CA LEU B 97 -32.80 -6.06 -4.39
C LEU B 97 -32.78 -4.52 -4.21
N ALA B 98 -31.64 -3.89 -4.45
CA ALA B 98 -31.43 -2.43 -4.31
C ALA B 98 -32.20 -1.67 -5.40
N GLY B 99 -32.49 -2.30 -6.55
CA GLY B 99 -33.00 -1.63 -7.76
C GLY B 99 -32.04 -0.55 -8.25
N ASP B 100 -30.74 -0.80 -8.14
CA ASP B 100 -29.69 0.20 -8.46
C ASP B 100 -28.39 -0.52 -8.75
N PRO B 101 -27.71 -0.16 -9.87
CA PRO B 101 -26.44 -0.82 -10.23
C PRO B 101 -25.16 -0.30 -9.56
N SER B 102 -25.27 0.71 -8.69
CA SER B 102 -24.08 1.43 -8.15
C SER B 102 -23.14 0.46 -7.38
N ILE B 103 -23.69 -0.50 -6.64
CA ILE B 103 -22.88 -1.53 -5.93
C ILE B 103 -21.97 -2.24 -6.94
N LEU B 104 -22.41 -2.42 -8.19
CA LEU B 104 -21.60 -3.12 -9.23
C LEU B 104 -20.36 -2.27 -9.56
N ASP B 105 -20.52 -0.95 -9.76
CA ASP B 105 -19.37 -0.05 -10.03
C ASP B 105 -18.40 -0.06 -8.87
N GLU B 106 -18.89 -0.06 -7.64
CA GLU B 106 -18.08 0.14 -6.42
C GLU B 106 -17.39 -1.15 -6.00
N ARG B 107 -18.08 -2.30 -6.10
CA ARG B 107 -17.62 -3.54 -5.46
C ARG B 107 -17.22 -4.61 -6.48
N VAL B 108 -17.56 -4.46 -7.76
CA VAL B 108 -17.28 -5.52 -8.76
C VAL B 108 -16.36 -4.97 -9.84
N LEU B 109 -16.73 -3.88 -10.51
CA LEU B 109 -16.18 -3.49 -11.85
C LEU B 109 -14.90 -2.62 -11.74
N ASN B 110 -14.63 -2.00 -10.60
CA ASN B 110 -13.53 -1.01 -10.48
C ASN B 110 -12.16 -1.67 -10.65
N GLY B 111 -11.55 -1.53 -11.84
CA GLY B 111 -10.24 -2.16 -12.18
C GLY B 111 -10.36 -3.63 -12.57
N LEU B 112 -11.58 -4.16 -12.78
CA LEU B 112 -11.75 -5.62 -13.04
C LEU B 112 -11.22 -5.95 -14.44
N LYS B 113 -11.61 -5.22 -15.47
CA LYS B 113 -11.13 -5.45 -16.85
C LYS B 113 -9.60 -5.44 -16.84
N GLU B 114 -8.98 -4.47 -16.16
CA GLU B 114 -7.51 -4.26 -16.15
C GLU B 114 -6.85 -5.47 -15.46
N THR B 115 -7.47 -5.95 -14.39
CA THR B 115 -7.00 -7.15 -13.66
C THR B 115 -7.08 -8.36 -14.60
N TYR B 116 -8.22 -8.62 -15.22
CA TYR B 116 -8.37 -9.76 -16.16
C TYR B 116 -7.30 -9.61 -17.26
N ASN B 117 -7.12 -8.41 -17.80
CA ASN B 117 -6.17 -8.19 -18.93
C ASN B 117 -4.75 -8.50 -18.44
N SER B 118 -4.37 -8.12 -17.23
CA SER B 118 -3.00 -8.35 -16.73
CA SER B 118 -3.00 -8.35 -16.72
C SER B 118 -2.76 -9.85 -16.47
N LEU B 119 -3.81 -10.60 -16.13
CA LEU B 119 -3.67 -12.05 -15.77
C LEU B 119 -3.84 -12.94 -17.00
N GLY B 120 -4.41 -12.42 -18.09
CA GLY B 120 -4.74 -13.26 -19.25
C GLY B 120 -6.05 -14.00 -19.11
N VAL B 121 -6.97 -13.53 -18.28
CA VAL B 121 -8.34 -14.10 -18.17
C VAL B 121 -9.13 -13.66 -19.39
N PRO B 122 -9.73 -14.58 -20.17
CA PRO B 122 -10.48 -14.20 -21.35
C PRO B 122 -11.83 -13.57 -21.02
N VAL B 123 -11.95 -12.30 -21.37
CA VAL B 123 -13.14 -11.47 -21.04
C VAL B 123 -14.32 -11.92 -21.90
N GLY B 124 -14.12 -12.20 -23.19
CA GLY B 124 -15.20 -12.69 -24.07
C GLY B 124 -15.88 -13.91 -23.50
N ALA B 125 -15.09 -14.92 -23.09
CA ALA B 125 -15.61 -16.16 -22.48
C ALA B 125 -16.36 -15.84 -21.17
N THR B 126 -15.86 -14.90 -20.38
CA THR B 126 -16.50 -14.52 -19.10
C THR B 126 -17.87 -13.94 -19.41
N VAL B 127 -17.96 -13.03 -20.38
CA VAL B 127 -19.26 -12.41 -20.75
C VAL B 127 -20.22 -13.48 -21.28
N GLN B 128 -19.75 -14.47 -22.04
CA GLN B 128 -20.63 -15.56 -22.52
C GLN B 128 -21.15 -16.36 -21.31
N ALA B 129 -20.32 -16.60 -20.30
CA ALA B 129 -20.75 -17.33 -19.08
C ALA B 129 -21.81 -16.50 -18.33
N ILE B 130 -21.61 -15.19 -18.21
CA ILE B 130 -22.60 -14.28 -17.56
C ILE B 130 -23.93 -14.33 -18.34
N GLN B 131 -23.86 -14.36 -19.66
CA GLN B 131 -25.08 -14.43 -20.50
C GLN B 131 -25.80 -15.76 -20.20
N ALA B 132 -25.08 -16.87 -20.07
CA ALA B 132 -25.67 -18.17 -19.70
C ALA B 132 -26.29 -18.08 -18.29
N ILE B 133 -25.60 -17.47 -17.33
CA ILE B 133 -26.16 -17.26 -15.96
C ILE B 133 -27.50 -16.49 -16.09
N LYS B 134 -27.52 -15.45 -16.92
CA LYS B 134 -28.77 -14.67 -17.12
C LYS B 134 -29.91 -15.59 -17.59
N GLU B 135 -29.66 -16.44 -18.59
CA GLU B 135 -30.73 -17.30 -19.15
C GLU B 135 -31.16 -18.36 -18.14
N VAL B 136 -30.22 -18.98 -17.41
CA VAL B 136 -30.59 -20.00 -16.38
C VAL B 136 -31.41 -19.34 -15.25
N THR B 137 -30.95 -18.19 -14.75
CA THR B 137 -31.65 -17.42 -13.69
C THR B 137 -33.08 -17.14 -14.13
N ALA B 138 -33.26 -16.63 -15.36
CA ALA B 138 -34.57 -16.23 -15.90
C ALA B 138 -35.52 -17.44 -15.88
N SER B 139 -35.01 -18.64 -16.22
CA SER B 139 -35.84 -19.88 -16.25
C SER B 139 -36.37 -20.19 -14.86
N LEU B 140 -35.69 -19.75 -13.79
CA LEU B 140 -36.12 -20.08 -12.41
C LEU B 140 -36.99 -18.97 -11.79
N VAL B 141 -36.73 -17.69 -12.09
CA VAL B 141 -37.39 -16.56 -11.37
C VAL B 141 -38.57 -16.04 -12.20
N GLY B 142 -38.68 -16.45 -13.45
CA GLY B 142 -39.81 -16.02 -14.31
C GLY B 142 -39.44 -14.80 -15.14
N PRO B 143 -40.25 -14.45 -16.16
CA PRO B 143 -39.82 -13.48 -17.17
C PRO B 143 -39.55 -12.05 -16.64
N ASP B 144 -40.42 -11.54 -15.77
CA ASP B 144 -40.29 -10.16 -15.22
C ASP B 144 -39.00 -10.07 -14.34
N ALA B 145 -38.88 -10.94 -13.36
CA ALA B 145 -37.65 -11.02 -12.52
C ALA B 145 -36.44 -11.31 -13.39
N GLY B 146 -36.59 -12.12 -14.45
CA GLY B 146 -35.46 -12.51 -15.32
C GLY B 146 -34.94 -11.32 -16.11
N LYS B 147 -35.86 -10.47 -16.58
CA LYS B 147 -35.54 -9.22 -17.28
C LYS B 147 -34.82 -8.23 -16.33
N GLU B 148 -35.31 -8.08 -15.10
CA GLU B 148 -34.72 -7.18 -14.08
C GLU B 148 -33.33 -7.69 -13.73
N MET B 149 -33.16 -8.99 -13.43
CA MET B 149 -31.81 -9.59 -13.23
C MET B 149 -30.91 -9.32 -14.46
N GLY B 150 -31.47 -9.41 -15.65
CA GLY B 150 -30.71 -9.26 -16.90
C GLY B 150 -30.14 -7.86 -17.05
N VAL B 151 -30.85 -6.85 -16.54
CA VAL B 151 -30.31 -5.45 -16.49
C VAL B 151 -28.95 -5.48 -15.77
N TYR B 152 -28.85 -6.18 -14.64
CA TYR B 152 -27.61 -6.14 -13.80
C TYR B 152 -26.54 -7.05 -14.41
N PHE B 153 -26.91 -8.20 -14.99
CA PHE B 153 -25.94 -9.08 -15.69
C PHE B 153 -25.35 -8.31 -16.89
N ASP B 154 -26.20 -7.63 -17.66
CA ASP B 154 -25.77 -6.79 -18.83
C ASP B 154 -24.86 -5.66 -18.36
N TYR B 155 -25.14 -5.07 -17.19
CA TYR B 155 -24.35 -3.97 -16.61
C TYR B 155 -22.94 -4.47 -16.32
N ILE B 156 -22.82 -5.64 -15.70
CA ILE B 156 -21.48 -6.25 -15.41
C ILE B 156 -20.78 -6.50 -16.75
N CYS B 157 -21.45 -7.12 -17.71
CA CYS B 157 -20.83 -7.44 -19.04
C CYS B 157 -20.31 -6.20 -19.72
N SER B 158 -21.10 -5.14 -19.77
CA SER B 158 -20.73 -3.83 -20.39
C SER B 158 -19.51 -3.27 -19.69
N GLY B 159 -19.44 -3.40 -18.36
CA GLY B 159 -18.33 -2.88 -17.55
C GLY B 159 -17.05 -3.66 -17.80
N LEU B 160 -17.15 -4.87 -18.34
CA LEU B 160 -15.99 -5.72 -18.64
C LEU B 160 -15.48 -5.44 -20.05
N SER B 161 -16.30 -4.79 -20.86
CA SER B 161 -16.02 -4.49 -22.29
C SER B 161 -15.24 -3.18 -22.39
N SER C 1 10.61 -27.76 -7.03
CA SER C 1 11.31 -28.86 -6.36
C SER C 1 11.81 -28.42 -4.97
N ILE C 2 12.54 -29.31 -4.32
CA ILE C 2 13.31 -28.98 -3.10
C ILE C 2 14.26 -27.81 -3.40
N VAL C 3 14.72 -27.62 -4.64
CA VAL C 3 15.64 -26.49 -5.00
C VAL C 3 14.89 -25.16 -4.84
N THR C 4 13.73 -25.01 -5.48
CA THR C 4 12.88 -23.81 -5.36
C THR C 4 12.52 -23.57 -3.89
N LYS C 5 12.13 -24.61 -3.16
CA LYS C 5 11.68 -24.49 -1.74
C LYS C 5 12.82 -23.92 -0.88
N SER C 6 14.01 -24.49 -1.00
CA SER C 6 15.24 -24.01 -0.30
C SER C 6 15.51 -22.54 -0.64
N ILE C 7 15.41 -22.17 -1.91
CA ILE C 7 15.73 -20.78 -2.35
C ILE C 7 14.69 -19.83 -1.74
N VAL C 8 13.42 -20.17 -1.84
CA VAL C 8 12.29 -19.33 -1.37
C VAL C 8 12.42 -19.08 0.13
N ASN C 9 12.81 -20.11 0.90
CA ASN C 9 13.06 -20.04 2.36
C ASN C 9 14.21 -19.06 2.63
N ALA C 10 15.35 -19.23 1.95
CA ALA C 10 16.55 -18.37 2.08
C ALA C 10 16.19 -16.93 1.71
N ASP C 11 15.48 -16.73 0.60
CA ASP C 11 15.12 -15.37 0.12
C ASP C 11 14.25 -14.68 1.19
N ALA C 12 13.33 -15.41 1.84
CA ALA C 12 12.38 -14.81 2.80
C ALA C 12 13.14 -14.28 4.03
N GLU C 13 14.30 -14.88 4.36
CA GLU C 13 15.17 -14.45 5.48
C GLU C 13 16.42 -13.70 4.97
N ALA C 14 16.39 -13.21 3.72
CA ALA C 14 17.44 -12.34 3.11
C ALA C 14 18.82 -12.92 3.34
N ARG C 15 19.02 -14.20 3.04
CA ARG C 15 20.31 -14.89 3.31
C ARG C 15 20.63 -15.91 2.22
N TYR C 16 21.89 -16.36 2.20
CA TYR C 16 22.34 -17.50 1.38
C TYR C 16 21.66 -18.75 1.93
N LEU C 17 21.61 -19.81 1.12
CA LEU C 17 21.13 -21.13 1.59
C LEU C 17 22.03 -21.56 2.77
N SER C 18 21.42 -22.11 3.80
CA SER C 18 22.10 -22.78 4.93
C SER C 18 22.83 -24.02 4.42
N PRO C 19 23.85 -24.51 5.15
CA PRO C 19 24.50 -25.79 4.82
C PRO C 19 23.51 -26.96 4.77
N GLY C 20 22.44 -26.90 5.58
CA GLY C 20 21.37 -27.93 5.61
C GLY C 20 20.54 -27.92 4.32
N GLU C 21 20.12 -26.73 3.86
CA GLU C 21 19.43 -26.56 2.57
C GLU C 21 20.32 -27.08 1.44
N LEU C 22 21.62 -26.78 1.44
CA LEU C 22 22.53 -27.18 0.33
C LEU C 22 22.69 -28.70 0.33
N ASP C 23 22.76 -29.29 1.52
CA ASP C 23 22.87 -30.77 1.69
C ASP C 23 21.60 -31.46 1.15
N ARG C 24 20.41 -30.91 1.41
CA ARG C 24 19.13 -31.45 0.86
CA ARG C 24 19.13 -31.44 0.87
C ARG C 24 19.20 -31.45 -0.67
N ILE C 25 19.69 -30.36 -1.27
CA ILE C 25 19.79 -30.27 -2.75
C ILE C 25 20.75 -31.35 -3.25
N LYS C 26 21.90 -31.50 -2.61
CA LYS C 26 22.90 -32.52 -3.02
C LYS C 26 22.28 -33.93 -2.96
N SER C 27 21.56 -34.22 -1.89
CA SER C 27 20.89 -35.54 -1.69
C SER C 27 19.86 -35.77 -2.81
N PHE C 28 19.01 -34.77 -3.05
CA PHE C 28 17.97 -34.83 -4.09
C PHE C 28 18.58 -35.13 -5.46
N VAL C 29 19.57 -34.35 -5.87
CA VAL C 29 20.12 -34.47 -7.25
C VAL C 29 20.84 -35.82 -7.39
N SER C 30 21.43 -36.35 -6.30
CA SER C 30 22.14 -37.65 -6.34
C SER C 30 21.14 -38.79 -6.58
N GLY C 31 19.91 -38.68 -6.04
CA GLY C 31 18.82 -39.63 -6.29
C GLY C 31 18.08 -39.41 -7.62
N GLY C 32 18.50 -38.42 -8.42
CA GLY C 32 17.86 -37.99 -9.68
C GLY C 32 17.57 -39.13 -10.65
N ALA C 33 18.56 -39.97 -10.93
CA ALA C 33 18.46 -41.04 -11.95
C ALA C 33 17.40 -42.06 -11.54
N GLN C 34 17.38 -42.43 -10.25
CA GLN C 34 16.37 -43.36 -9.66
CA GLN C 34 16.37 -43.37 -9.69
C GLN C 34 14.96 -42.78 -9.87
N ARG C 35 14.78 -41.48 -9.61
CA ARG C 35 13.46 -40.79 -9.71
CA ARG C 35 13.44 -40.82 -9.71
C ARG C 35 12.99 -40.83 -11.17
N LEU C 36 13.89 -40.54 -12.11
CA LEU C 36 13.57 -40.56 -13.55
C LEU C 36 13.14 -41.98 -13.95
N ARG C 37 13.80 -43.02 -13.44
CA ARG C 37 13.46 -44.41 -13.81
C ARG C 37 12.03 -44.72 -13.31
N ILE C 38 11.69 -44.34 -12.08
CA ILE C 38 10.32 -44.54 -11.52
C ILE C 38 9.30 -43.83 -12.43
N ALA C 39 9.54 -42.56 -12.78
CA ALA C 39 8.63 -41.79 -13.66
C ALA C 39 8.47 -42.52 -15.00
N GLN C 40 9.55 -43.10 -15.53
CA GLN C 40 9.55 -43.76 -16.87
CA GLN C 40 9.54 -43.74 -16.87
C GLN C 40 8.66 -45.01 -16.82
N VAL C 41 8.73 -45.79 -15.75
CA VAL C 41 7.90 -47.02 -15.56
C VAL C 41 6.42 -46.60 -15.57
N LEU C 42 6.05 -45.60 -14.76
CA LEU C 42 4.62 -45.16 -14.66
C LEU C 42 4.18 -44.63 -16.02
N THR C 43 5.03 -43.85 -16.69
CA THR C 43 4.71 -43.25 -18.01
C THR C 43 4.49 -44.37 -19.04
N ASP C 44 5.40 -45.35 -19.08
CA ASP C 44 5.36 -46.42 -20.12
C ASP C 44 4.09 -47.28 -19.93
N ASN C 45 3.62 -47.44 -18.70
CA ASN C 45 2.52 -48.37 -18.31
C ASN C 45 1.22 -47.60 -18.01
N ARG C 46 1.11 -46.35 -18.45
CA ARG C 46 0.00 -45.45 -18.09
C ARG C 46 -1.35 -46.06 -18.53
N GLU C 47 -1.44 -46.67 -19.71
CA GLU C 47 -2.72 -47.20 -20.25
C GLU C 47 -3.25 -48.30 -19.32
N ARG C 48 -2.36 -49.21 -18.93
CA ARG C 48 -2.62 -50.35 -18.03
C ARG C 48 -3.02 -49.81 -16.65
N ILE C 49 -2.24 -48.86 -16.12
CA ILE C 49 -2.42 -48.35 -14.74
C ILE C 49 -3.82 -47.71 -14.66
N VAL C 50 -4.18 -46.86 -15.63
CA VAL C 50 -5.47 -46.12 -15.62
C VAL C 50 -6.63 -47.12 -15.84
N LYS C 51 -6.56 -47.98 -16.88
CA LYS C 51 -7.64 -48.95 -17.23
C LYS C 51 -7.91 -49.87 -16.05
N GLN C 52 -6.87 -50.48 -15.45
CA GLN C 52 -7.03 -51.45 -14.37
C GLN C 52 -7.53 -50.74 -13.11
N ALA C 53 -7.02 -49.54 -12.83
CA ALA C 53 -7.49 -48.74 -11.66
C ALA C 53 -9.00 -48.42 -11.83
N GLY C 54 -9.40 -48.06 -13.05
CA GLY C 54 -10.80 -47.75 -13.40
C GLY C 54 -11.69 -48.94 -13.07
N ASP C 55 -11.29 -50.12 -13.52
CA ASP C 55 -12.05 -51.39 -13.32
C ASP C 55 -12.19 -51.66 -11.83
N GLN C 56 -11.11 -51.51 -11.08
CA GLN C 56 -11.14 -51.73 -9.60
CA GLN C 56 -11.11 -51.71 -9.60
C GLN C 56 -12.09 -50.71 -8.96
N LEU C 57 -12.03 -49.43 -9.35
CA LEU C 57 -12.91 -48.39 -8.75
C LEU C 57 -14.37 -48.75 -9.02
N PHE C 58 -14.72 -49.11 -10.23
CA PHE C 58 -16.13 -49.37 -10.66
C PHE C 58 -16.68 -50.65 -9.98
N GLN C 59 -15.81 -51.55 -9.57
CA GLN C 59 -16.20 -52.76 -8.79
C GLN C 59 -16.44 -52.41 -7.33
N LYS C 60 -15.75 -51.41 -6.77
CA LYS C 60 -15.95 -50.97 -5.36
C LYS C 60 -17.10 -49.95 -5.30
N ARG C 61 -17.27 -49.14 -6.35
CA ARG C 61 -18.21 -48.00 -6.40
C ARG C 61 -19.01 -48.12 -7.67
N PRO C 62 -19.82 -49.22 -7.83
CA PRO C 62 -20.66 -49.38 -9.01
C PRO C 62 -21.70 -48.27 -9.20
N ASP C 63 -22.05 -47.56 -8.12
CA ASP C 63 -22.99 -46.42 -8.13
C ASP C 63 -22.52 -45.33 -9.11
N VAL C 64 -21.22 -45.05 -9.24
CA VAL C 64 -20.77 -43.91 -10.07
C VAL C 64 -20.95 -44.23 -11.57
N VAL C 65 -21.06 -45.52 -11.93
CA VAL C 65 -21.29 -45.92 -13.35
C VAL C 65 -22.68 -46.58 -13.49
N SER C 66 -23.59 -46.30 -12.55
CA SER C 66 -25.02 -46.71 -12.62
C SER C 66 -25.86 -45.49 -12.95
N PRO C 67 -27.11 -45.66 -13.39
CA PRO C 67 -27.98 -44.51 -13.67
C PRO C 67 -28.02 -43.53 -12.48
N GLY C 68 -27.89 -42.24 -12.79
CA GLY C 68 -27.78 -41.15 -11.82
C GLY C 68 -26.35 -40.87 -11.38
N GLY C 69 -25.42 -41.81 -11.61
CA GLY C 69 -24.01 -41.65 -11.24
C GLY C 69 -23.32 -40.63 -12.12
N ASN C 70 -22.30 -39.95 -11.60
CA ASN C 70 -21.57 -38.88 -12.33
C ASN C 70 -20.88 -39.46 -13.58
N ALA C 71 -20.43 -40.71 -13.56
CA ALA C 71 -19.66 -41.35 -14.66
C ALA C 71 -20.55 -42.30 -15.49
N TYR C 72 -21.87 -42.21 -15.39
CA TYR C 72 -22.78 -43.16 -16.08
C TYR C 72 -22.68 -42.97 -17.59
N GLY C 73 -22.47 -44.05 -18.33
CA GLY C 73 -22.50 -44.00 -19.80
C GLY C 73 -21.10 -43.89 -20.37
N GLN C 74 -20.95 -44.25 -21.64
CA GLN C 74 -19.66 -44.44 -22.33
C GLN C 74 -18.83 -43.14 -22.25
N GLU C 75 -19.43 -42.00 -22.59
CA GLU C 75 -18.77 -40.68 -22.68
CA GLU C 75 -18.72 -40.71 -22.68
C GLU C 75 -18.28 -40.22 -21.30
N MET C 76 -19.13 -40.31 -20.26
CA MET C 76 -18.78 -39.83 -18.90
CA MET C 76 -18.78 -39.83 -18.90
C MET C 76 -17.75 -40.78 -18.29
N THR C 77 -17.86 -42.09 -18.55
CA THR C 77 -16.84 -43.07 -18.07
C THR C 77 -15.49 -42.70 -18.70
N ALA C 78 -15.46 -42.36 -19.99
CA ALA C 78 -14.20 -41.99 -20.68
C ALA C 78 -13.62 -40.73 -20.02
N THR C 79 -14.45 -39.76 -19.66
CA THR C 79 -14.00 -38.51 -19.03
C THR C 79 -13.42 -38.84 -17.65
N CYS C 80 -14.05 -39.77 -16.93
CA CYS C 80 -13.60 -40.23 -15.60
C CYS C 80 -12.18 -40.81 -15.75
N LEU C 81 -11.94 -41.66 -16.74
CA LEU C 81 -10.60 -42.26 -16.94
C LEU C 81 -9.62 -41.17 -17.41
N ARG C 82 -10.06 -40.15 -18.15
CA ARG C 82 -9.23 -38.98 -18.52
C ARG C 82 -8.70 -38.30 -17.25
N ASP C 83 -9.57 -38.07 -16.27
CA ASP C 83 -9.17 -37.45 -14.97
C ASP C 83 -8.15 -38.33 -14.24
N LEU C 84 -8.32 -39.65 -14.24
CA LEU C 84 -7.32 -40.54 -13.58
C LEU C 84 -5.98 -40.42 -14.33
N ASP C 85 -6.00 -40.36 -15.65
CA ASP C 85 -4.79 -40.19 -16.48
C ASP C 85 -4.12 -38.85 -16.14
N TYR C 86 -4.89 -37.77 -15.97
CA TYR C 86 -4.37 -36.47 -15.48
C TYR C 86 -3.60 -36.69 -14.18
N TYR C 87 -4.18 -37.36 -13.17
CA TYR C 87 -3.55 -37.52 -11.84
C TYR C 87 -2.30 -38.40 -11.92
N LEU C 88 -2.32 -39.47 -12.74
CA LEU C 88 -1.11 -40.28 -12.95
C LEU C 88 0.01 -39.39 -13.50
N ARG C 89 -0.29 -38.58 -14.52
CA ARG C 89 0.68 -37.62 -15.12
C ARG C 89 1.24 -36.68 -14.02
N LEU C 90 0.39 -36.10 -13.18
CA LEU C 90 0.85 -35.18 -12.12
C LEU C 90 1.74 -35.94 -11.13
N VAL C 91 1.42 -37.20 -10.81
CA VAL C 91 2.24 -38.01 -9.88
C VAL C 91 3.64 -38.16 -10.48
N THR C 92 3.77 -38.38 -11.79
CA THR C 92 5.12 -38.50 -12.42
C THR C 92 5.90 -37.17 -12.25
N TYR C 93 5.22 -36.02 -12.34
CA TYR C 93 5.84 -34.69 -12.14
C TYR C 93 6.34 -34.57 -10.69
N GLY C 94 5.52 -34.92 -9.71
CA GLY C 94 5.92 -34.89 -8.29
C GLY C 94 7.18 -35.74 -8.07
N ILE C 95 7.21 -36.93 -8.63
CA ILE C 95 8.33 -37.88 -8.45
C ILE C 95 9.64 -37.26 -8.96
N VAL C 96 9.65 -36.67 -10.16
CA VAL C 96 10.91 -36.05 -10.68
C VAL C 96 11.28 -34.79 -9.88
N ALA C 97 10.31 -34.10 -9.28
CA ALA C 97 10.53 -32.84 -8.54
C ALA C 97 11.00 -33.11 -7.10
N GLY C 98 10.76 -34.31 -6.57
CA GLY C 98 11.08 -34.68 -5.18
C GLY C 98 10.17 -34.02 -4.17
N ASP C 99 9.02 -33.48 -4.59
CA ASP C 99 7.98 -32.99 -3.65
C ASP C 99 6.66 -32.71 -4.38
N VAL C 100 5.62 -32.39 -3.61
CA VAL C 100 4.21 -32.48 -4.05
C VAL C 100 3.81 -31.20 -4.79
N THR C 101 4.65 -30.18 -4.83
CA THR C 101 4.27 -28.83 -5.30
C THR C 101 3.61 -28.88 -6.68
N PRO C 102 4.13 -29.60 -7.69
CA PRO C 102 3.51 -29.60 -9.02
C PRO C 102 2.11 -30.21 -8.96
N ILE C 103 1.94 -31.23 -8.14
CA ILE C 103 0.62 -31.89 -7.96
C ILE C 103 -0.32 -30.87 -7.30
N GLU C 104 0.13 -30.24 -6.22
CA GLU C 104 -0.67 -29.24 -5.47
C GLU C 104 -1.16 -28.14 -6.42
N GLU C 105 -0.24 -27.54 -7.16
CA GLU C 105 -0.49 -26.31 -7.94
C GLU C 105 -1.34 -26.62 -9.18
N ILE C 106 -1.25 -27.83 -9.74
CA ILE C 106 -1.99 -28.18 -10.99
C ILE C 106 -3.32 -28.84 -10.64
N GLY C 107 -3.36 -29.73 -9.64
CA GLY C 107 -4.49 -30.66 -9.47
C GLY C 107 -5.09 -30.71 -8.08
N ILE C 108 -4.62 -29.93 -7.09
CA ILE C 108 -5.18 -30.01 -5.70
C ILE C 108 -5.81 -28.69 -5.25
N VAL C 109 -5.17 -27.56 -5.49
CA VAL C 109 -5.77 -26.26 -5.04
C VAL C 109 -7.08 -26.11 -5.81
N GLY C 110 -8.18 -25.89 -5.10
CA GLY C 110 -9.51 -25.74 -5.71
C GLY C 110 -10.15 -27.05 -6.14
N VAL C 111 -9.55 -28.23 -5.88
CA VAL C 111 -10.09 -29.50 -6.43
C VAL C 111 -11.48 -29.79 -5.85
N ARG C 112 -11.69 -29.54 -4.56
CA ARG C 112 -13.00 -29.82 -3.93
C ARG C 112 -14.07 -28.92 -4.55
N GLU C 113 -13.75 -27.65 -4.80
CA GLU C 113 -14.69 -26.66 -5.39
C GLU C 113 -15.05 -27.12 -6.83
N MET C 114 -14.07 -27.56 -7.61
CA MET C 114 -14.32 -28.04 -8.99
C MET C 114 -15.29 -29.22 -8.95
N TYR C 115 -14.94 -30.28 -8.25
CA TYR C 115 -15.70 -31.55 -8.29
C TYR C 115 -17.08 -31.34 -7.66
N LYS C 116 -17.19 -30.49 -6.65
CA LYS C 116 -18.52 -30.13 -6.08
C LYS C 116 -19.39 -29.50 -7.13
N SER C 117 -18.89 -28.53 -7.90
CA SER C 117 -19.67 -27.86 -8.98
C SER C 117 -20.12 -28.89 -10.03
N LEU C 118 -19.23 -29.80 -10.42
CA LEU C 118 -19.53 -30.83 -11.45
C LEU C 118 -20.46 -31.94 -10.93
N GLY C 119 -20.65 -32.06 -9.60
CA GLY C 119 -21.45 -33.17 -9.05
C GLY C 119 -20.70 -34.49 -8.97
N THR C 120 -19.37 -34.45 -9.03
CA THR C 120 -18.50 -35.64 -9.00
C THR C 120 -18.24 -36.03 -7.55
N PRO C 121 -18.47 -37.30 -7.15
CA PRO C 121 -18.14 -37.73 -5.80
C PRO C 121 -16.63 -37.83 -5.59
N ILE C 122 -16.05 -36.89 -4.84
CA ILE C 122 -14.57 -36.78 -4.78
C ILE C 122 -13.99 -37.96 -3.98
N ASP C 123 -14.76 -38.62 -3.12
CA ASP C 123 -14.27 -39.84 -2.39
C ASP C 123 -14.05 -40.98 -3.39
N ALA C 124 -14.83 -41.04 -4.46
CA ALA C 124 -14.63 -42.03 -5.55
C ALA C 124 -13.41 -41.64 -6.39
N VAL C 125 -13.14 -40.35 -6.64
CA VAL C 125 -11.92 -39.91 -7.35
C VAL C 125 -10.71 -40.40 -6.53
N ALA C 126 -10.71 -40.15 -5.23
CA ALA C 126 -9.66 -40.59 -4.29
C ALA C 126 -9.49 -42.12 -4.39
N GLY C 127 -10.60 -42.87 -4.43
CA GLY C 127 -10.58 -44.33 -4.62
C GLY C 127 -9.90 -44.74 -5.91
N GLY C 128 -10.15 -44.02 -7.01
CA GLY C 128 -9.48 -44.26 -8.29
C GLY C 128 -7.96 -44.04 -8.19
N VAL C 129 -7.56 -42.99 -7.50
CA VAL C 129 -6.11 -42.67 -7.34
C VAL C 129 -5.44 -43.75 -6.46
N ALA C 130 -6.08 -44.18 -5.39
CA ALA C 130 -5.61 -45.26 -4.51
C ALA C 130 -5.46 -46.55 -5.31
N ALA C 131 -6.40 -46.83 -6.22
CA ALA C 131 -6.32 -48.02 -7.10
C ALA C 131 -5.09 -47.91 -7.99
N MET C 132 -4.81 -46.72 -8.57
CA MET C 132 -3.62 -46.54 -9.44
C MET C 132 -2.35 -46.83 -8.63
N LYS C 133 -2.30 -46.41 -7.37
CA LYS C 133 -1.11 -46.68 -6.49
C LYS C 133 -0.89 -48.19 -6.39
N SER C 134 -1.95 -48.96 -6.15
CA SER C 134 -1.81 -50.43 -5.91
C SER C 134 -1.37 -51.10 -7.23
N VAL C 135 -1.91 -50.70 -8.38
CA VAL C 135 -1.45 -51.27 -9.70
C VAL C 135 0.00 -50.86 -9.98
N ALA C 136 0.34 -49.58 -9.82
CA ALA C 136 1.71 -49.07 -10.05
C ALA C 136 2.70 -49.86 -9.18
N ALA C 137 2.36 -50.11 -7.91
CA ALA C 137 3.25 -50.74 -6.92
C ALA C 137 3.67 -52.14 -7.44
N GLY C 138 2.81 -52.82 -8.18
CA GLY C 138 3.09 -54.12 -8.82
C GLY C 138 4.19 -54.05 -9.88
N LEU C 139 4.58 -52.85 -10.33
CA LEU C 139 5.57 -52.68 -11.43
C LEU C 139 6.91 -52.21 -10.87
N LEU C 140 7.04 -52.04 -9.56
CA LEU C 140 8.19 -51.37 -8.92
C LEU C 140 8.77 -52.25 -7.81
N SER C 141 10.06 -52.09 -7.52
CA SER C 141 10.72 -52.61 -6.30
C SER C 141 9.97 -52.08 -5.08
N ALA C 142 10.14 -52.71 -3.92
CA ALA C 142 9.56 -52.29 -2.62
C ALA C 142 9.99 -50.85 -2.31
N GLU C 143 11.26 -50.52 -2.53
CA GLU C 143 11.83 -49.18 -2.22
C GLU C 143 11.16 -48.15 -3.13
N ASP C 144 11.09 -48.44 -4.43
CA ASP C 144 10.50 -47.54 -5.47
C ASP C 144 9.00 -47.34 -5.20
N ALA C 145 8.27 -48.42 -4.86
CA ALA C 145 6.83 -48.38 -4.52
C ALA C 145 6.62 -47.50 -3.28
N GLY C 146 7.52 -47.54 -2.30
CA GLY C 146 7.44 -46.69 -1.10
C GLY C 146 7.54 -45.22 -1.46
N GLU C 147 8.47 -44.88 -2.35
CA GLU C 147 8.68 -43.49 -2.82
CA GLU C 147 8.67 -43.47 -2.80
C GLU C 147 7.47 -43.03 -3.66
N ALA C 148 7.10 -43.79 -4.68
CA ALA C 148 5.96 -43.46 -5.57
C ALA C 148 4.67 -43.36 -4.75
N GLY C 149 4.53 -44.27 -3.78
CA GLY C 149 3.33 -44.41 -2.94
C GLY C 149 3.05 -43.15 -2.17
N ALA C 150 4.08 -42.46 -1.70
CA ALA C 150 3.95 -41.20 -0.96
C ALA C 150 3.23 -40.13 -1.81
N TYR C 151 3.44 -40.11 -3.13
CA TYR C 151 2.81 -39.09 -4.03
C TYR C 151 1.32 -39.44 -4.24
N PHE C 152 1.01 -40.70 -4.52
CA PHE C 152 -0.40 -41.17 -4.61
C PHE C 152 -1.13 -40.88 -3.29
N ASP C 153 -0.48 -41.16 -2.15
CA ASP C 153 -1.07 -40.97 -0.80
C ASP C 153 -1.37 -39.50 -0.58
N TYR C 154 -0.50 -38.61 -1.05
CA TYR C 154 -0.71 -37.16 -0.92
C TYR C 154 -2.01 -36.77 -1.63
N VAL C 155 -2.21 -37.26 -2.86
CA VAL C 155 -3.44 -36.94 -3.65
C VAL C 155 -4.67 -37.44 -2.88
N VAL C 156 -4.66 -38.70 -2.47
CA VAL C 156 -5.80 -39.34 -1.77
C VAL C 156 -6.13 -38.52 -0.51
N GLY C 157 -5.12 -38.20 0.30
CA GLY C 157 -5.30 -37.43 1.56
C GLY C 157 -5.82 -36.04 1.30
N ALA C 158 -5.38 -35.38 0.23
CA ALA C 158 -5.80 -33.99 -0.09
C ALA C 158 -7.26 -33.96 -0.58
N MET C 159 -7.85 -35.08 -1.01
CA MET C 159 -9.25 -35.15 -1.47
C MET C 159 -10.24 -35.57 -0.36
N GLN C 160 -9.81 -35.74 0.89
CA GLN C 160 -10.72 -36.03 2.04
C GLN C 160 -11.15 -34.71 2.69
N MET D 1 8.71 -18.25 -8.83
CA MET D 1 9.92 -18.54 -9.63
C MET D 1 9.82 -19.99 -10.13
N GLN D 2 10.53 -20.32 -11.19
CA GLN D 2 10.75 -21.73 -11.59
C GLN D 2 12.26 -22.04 -11.51
N ASP D 3 12.58 -23.31 -11.38
CA ASP D 3 13.95 -23.86 -11.51
C ASP D 3 13.96 -24.70 -12.80
N ALA D 4 15.09 -25.33 -13.12
CA ALA D 4 15.28 -26.11 -14.37
C ALA D 4 14.31 -27.30 -14.39
N ILE D 5 13.96 -27.85 -13.23
CA ILE D 5 13.04 -29.01 -13.12
C ILE D 5 11.59 -28.55 -13.39
N THR D 6 11.13 -27.51 -12.70
CA THR D 6 9.72 -27.04 -12.81
C THR D 6 9.48 -26.42 -14.19
N SER D 7 10.51 -25.88 -14.82
CA SER D 7 10.42 -25.33 -16.20
C SER D 7 10.06 -26.45 -17.18
N VAL D 8 10.72 -27.60 -17.06
CA VAL D 8 10.43 -28.78 -17.90
C VAL D 8 9.02 -29.29 -17.59
N ILE D 9 8.67 -29.42 -16.31
CA ILE D 9 7.30 -29.89 -15.92
C ILE D 9 6.25 -28.93 -16.52
N ASN D 10 6.43 -27.62 -16.36
CA ASN D 10 5.46 -26.62 -16.86
C ASN D 10 5.28 -26.73 -18.38
N SER D 11 6.37 -26.93 -19.11
CA SER D 11 6.37 -27.09 -20.58
C SER D 11 5.60 -28.36 -20.99
N SER D 12 5.73 -29.46 -20.23
CA SER D 12 4.98 -30.71 -20.50
C SER D 12 3.50 -30.53 -20.14
N ASP D 13 3.23 -29.95 -18.97
CA ASP D 13 1.86 -29.79 -18.42
C ASP D 13 1.01 -28.92 -19.35
N VAL D 14 1.53 -27.82 -19.88
CA VAL D 14 0.74 -26.91 -20.77
C VAL D 14 0.33 -27.67 -22.05
N GLN D 15 1.05 -28.73 -22.44
CA GLN D 15 0.69 -29.61 -23.58
C GLN D 15 -0.18 -30.80 -23.15
N GLY D 16 -0.40 -31.02 -21.86
CA GLY D 16 -1.10 -32.22 -21.38
C GLY D 16 -0.28 -33.49 -21.56
N LYS D 17 1.06 -33.40 -21.58
CA LYS D 17 1.93 -34.56 -21.98
C LYS D 17 2.69 -35.08 -20.77
N TYR D 18 2.86 -36.39 -20.73
CA TYR D 18 3.86 -37.07 -19.89
C TYR D 18 5.24 -36.61 -20.37
N LEU D 19 6.24 -36.71 -19.51
CA LEU D 19 7.64 -36.34 -19.84
C LEU D 19 8.13 -37.28 -20.95
N ASP D 20 8.48 -36.73 -22.10
CA ASP D 20 9.04 -37.52 -23.23
C ASP D 20 10.58 -37.53 -23.13
N ASN D 21 11.23 -38.14 -24.12
CA ASN D 21 12.69 -38.40 -24.08
C ASN D 21 13.42 -37.07 -23.96
N ALA D 22 13.04 -36.04 -24.70
CA ALA D 22 13.67 -34.69 -24.67
C ALA D 22 13.56 -34.08 -23.27
N ALA D 23 12.38 -34.14 -22.64
CA ALA D 23 12.16 -33.64 -21.27
C ALA D 23 13.07 -34.40 -20.29
N LEU D 24 13.11 -35.73 -20.36
CA LEU D 24 13.91 -36.58 -19.44
C LEU D 24 15.41 -36.26 -19.63
N GLU D 25 15.86 -36.01 -20.86
CA GLU D 25 17.27 -35.65 -21.16
C GLU D 25 17.58 -34.31 -20.52
N LYS D 26 16.68 -33.32 -20.60
CA LYS D 26 16.87 -31.99 -19.98
C LYS D 26 16.98 -32.17 -18.46
N LEU D 27 16.13 -32.99 -17.85
CA LEU D 27 16.18 -33.22 -16.38
C LEU D 27 17.51 -33.86 -16.00
N LYS D 28 17.97 -34.85 -16.76
CA LYS D 28 19.27 -35.52 -16.54
C LYS D 28 20.41 -34.50 -16.59
N GLY D 29 20.33 -33.55 -17.53
CA GLY D 29 21.33 -32.47 -17.70
C GLY D 29 21.45 -31.65 -16.43
N TYR D 30 20.31 -31.31 -15.81
CA TYR D 30 20.30 -30.53 -14.55
C TYR D 30 20.87 -31.40 -13.41
N PHE D 31 20.38 -32.62 -13.25
CA PHE D 31 20.79 -33.53 -12.13
C PHE D 31 22.31 -33.77 -12.18
N ALA D 32 22.88 -33.92 -13.37
CA ALA D 32 24.32 -34.16 -13.59
C ALA D 32 25.16 -32.95 -13.10
N THR D 33 24.60 -31.74 -13.03
CA THR D 33 25.34 -30.50 -12.67
C THR D 33 25.07 -30.07 -11.22
N GLY D 34 24.18 -30.76 -10.50
CA GLY D 34 23.60 -30.26 -9.24
C GLY D 34 24.67 -30.04 -8.19
N GLU D 35 25.54 -31.03 -8.00
CA GLU D 35 26.63 -30.95 -6.99
C GLU D 35 27.57 -29.81 -7.37
N LEU D 36 27.88 -29.63 -8.66
CA LEU D 36 28.74 -28.52 -9.13
C LEU D 36 28.09 -27.16 -8.80
N ARG D 37 26.76 -27.05 -8.88
CA ARG D 37 26.06 -25.79 -8.55
C ARG D 37 26.18 -25.59 -7.04
N VAL D 38 26.02 -26.64 -6.25
CA VAL D 38 26.09 -26.55 -4.77
C VAL D 38 27.51 -26.12 -4.37
N ARG D 39 28.53 -26.67 -5.03
CA ARG D 39 29.96 -26.37 -4.72
CA ARG D 39 29.95 -26.37 -4.73
C ARG D 39 30.20 -24.87 -4.96
N ALA D 40 29.76 -24.34 -6.10
CA ALA D 40 29.96 -22.93 -6.48
C ALA D 40 29.23 -22.04 -5.46
N ALA D 41 28.00 -22.41 -5.08
CA ALA D 41 27.18 -21.65 -4.11
C ALA D 41 27.86 -21.61 -2.74
N THR D 42 28.47 -22.70 -2.29
CA THR D 42 29.16 -22.79 -0.98
C THR D 42 30.34 -21.81 -0.98
N THR D 43 31.16 -21.85 -2.02
CA THR D 43 32.34 -20.95 -2.19
C THR D 43 31.90 -19.47 -2.21
N ILE D 44 30.88 -19.11 -3.00
CA ILE D 44 30.39 -17.71 -3.11
C ILE D 44 29.92 -17.24 -1.74
N SER D 45 29.06 -18.02 -1.10
CA SER D 45 28.47 -17.67 0.22
CA SER D 45 28.46 -17.67 0.21
C SER D 45 29.57 -17.38 1.24
N ALA D 46 30.60 -18.22 1.26
CA ALA D 46 31.71 -18.10 2.24
C ALA D 46 32.57 -16.84 1.95
N ASN D 47 32.53 -16.31 0.73
CA ASN D 47 33.45 -15.23 0.25
C ASN D 47 32.65 -14.01 -0.21
N ALA D 48 31.36 -13.90 0.13
CA ALA D 48 30.42 -12.95 -0.48
C ALA D 48 30.89 -11.51 -0.20
N ALA D 49 31.26 -11.18 1.04
CA ALA D 49 31.69 -9.82 1.39
C ALA D 49 33.00 -9.50 0.66
N ALA D 50 33.93 -10.45 0.58
CA ALA D 50 35.25 -10.30 -0.09
C ALA D 50 35.09 -10.09 -1.60
N ILE D 51 34.14 -10.76 -2.22
CA ILE D 51 33.91 -10.64 -3.70
C ILE D 51 33.47 -9.21 -3.98
N VAL D 52 32.51 -8.70 -3.21
CA VAL D 52 31.98 -7.32 -3.38
C VAL D 52 33.12 -6.33 -3.09
N LYS D 53 33.86 -6.50 -1.98
CA LYS D 53 34.97 -5.57 -1.65
C LYS D 53 35.95 -5.47 -2.82
N GLU D 54 36.39 -6.61 -3.40
CA GLU D 54 37.42 -6.60 -4.48
C GLU D 54 36.83 -5.96 -5.74
N ALA D 55 35.58 -6.28 -6.07
CA ALA D 55 34.88 -5.73 -7.25
C ALA D 55 34.78 -4.20 -7.12
N VAL D 56 34.42 -3.71 -5.93
CA VAL D 56 34.30 -2.24 -5.67
C VAL D 56 35.68 -1.59 -5.85
N ALA D 57 36.73 -2.18 -5.28
CA ALA D 57 38.10 -1.64 -5.36
C ALA D 57 38.57 -1.54 -6.82
N LYS D 58 38.17 -2.48 -7.69
CA LYS D 58 38.60 -2.52 -9.10
C LYS D 58 37.74 -1.61 -9.99
N SER D 59 36.51 -1.27 -9.63
CA SER D 59 35.58 -0.65 -10.60
C SER D 59 35.09 0.73 -10.16
N LEU D 60 35.10 1.09 -8.87
CA LEU D 60 34.41 2.32 -8.41
C LEU D 60 35.34 3.21 -7.59
N LEU D 61 36.26 2.68 -6.79
CA LEU D 61 36.94 3.52 -5.77
C LEU D 61 37.92 4.49 -6.45
N TYR D 62 38.22 5.61 -5.78
CA TYR D 62 39.28 6.57 -6.21
C TYR D 62 38.86 7.15 -7.58
N SER D 63 37.58 7.47 -7.72
CA SER D 63 37.05 8.05 -8.98
C SER D 63 36.10 9.16 -8.62
N ASP D 64 35.61 9.88 -9.62
CA ASP D 64 34.59 10.94 -9.41
C ASP D 64 33.33 10.35 -8.75
N ILE D 65 33.06 9.06 -8.85
CA ILE D 65 31.78 8.54 -8.31
C ILE D 65 31.81 8.52 -6.76
N THR D 66 32.98 8.37 -6.13
CA THR D 66 33.08 8.38 -4.63
C THR D 66 33.48 9.76 -4.10
N ARG D 67 33.89 10.68 -4.97
CA ARG D 67 34.29 12.05 -4.57
C ARG D 67 33.04 12.87 -4.36
N PRO D 68 33.10 13.94 -3.54
CA PRO D 68 31.99 14.90 -3.40
C PRO D 68 31.29 15.19 -4.71
N GLY D 69 29.95 15.07 -4.67
CA GLY D 69 29.10 15.25 -5.86
C GLY D 69 28.80 13.97 -6.59
N GLY D 70 29.51 12.86 -6.32
CA GLY D 70 29.33 11.61 -7.07
C GLY D 70 28.21 10.78 -6.46
N MET D 72 28.08 7.82 -5.35
CA MET D 72 28.48 6.94 -4.27
C MET D 72 29.13 7.75 -3.13
N TYR D 73 29.11 9.07 -3.20
CA TYR D 73 29.59 9.94 -2.10
C TYR D 73 28.49 10.00 -1.04
N THR D 74 28.88 10.24 0.22
CA THR D 74 28.09 10.13 1.47
C THR D 74 28.10 8.66 1.90
N THR D 75 28.19 8.43 3.21
CA THR D 75 28.24 7.06 3.77
C THR D 75 26.94 6.35 3.41
N ARG D 76 25.82 7.06 3.38
CA ARG D 76 24.47 6.49 3.12
C ARG D 76 24.47 5.90 1.70
N ARG D 77 24.98 6.62 0.72
CA ARG D 77 24.97 6.13 -0.69
CA ARG D 77 24.97 6.13 -0.69
C ARG D 77 26.04 5.05 -0.88
N TYR D 78 27.19 5.17 -0.22
CA TYR D 78 28.22 4.13 -0.29
C TYR D 78 27.56 2.82 0.16
N ALA D 79 26.90 2.85 1.32
CA ALA D 79 26.29 1.66 1.96
C ALA D 79 25.16 1.10 1.10
N ALA D 80 24.32 1.96 0.50
CA ALA D 80 23.21 1.51 -0.38
C ALA D 80 23.78 0.77 -1.58
N CYS D 81 24.87 1.31 -2.16
CA CYS D 81 25.47 0.77 -3.41
C CYS D 81 26.06 -0.62 -3.10
N ILE D 82 26.82 -0.80 -2.03
CA ILE D 82 27.41 -2.13 -1.74
C ILE D 82 26.30 -3.10 -1.31
N ARG D 83 25.24 -2.61 -0.69
CA ARG D 83 24.04 -3.44 -0.39
C ARG D 83 23.45 -3.97 -1.70
N ASP D 84 23.31 -3.10 -2.72
CA ASP D 84 22.79 -3.52 -4.04
C ASP D 84 23.70 -4.60 -4.63
N LEU D 85 25.01 -4.45 -4.49
CA LEU D 85 25.95 -5.43 -5.06
C LEU D 85 25.83 -6.75 -4.29
N ASP D 86 25.63 -6.69 -2.98
CA ASP D 86 25.38 -7.92 -2.16
C ASP D 86 24.10 -8.60 -2.68
N TYR D 87 23.06 -7.84 -2.98
CA TYR D 87 21.79 -8.38 -3.54
C TYR D 87 22.05 -9.06 -4.88
N TYR D 88 22.74 -8.40 -5.82
CA TYR D 88 23.03 -8.97 -7.16
C TYR D 88 23.79 -10.29 -7.01
N LEU D 89 24.78 -10.34 -6.15
CA LEU D 89 25.58 -11.60 -5.97
C LEU D 89 24.69 -12.71 -5.39
N ARG D 90 23.90 -12.41 -4.37
CA ARG D 90 23.07 -13.41 -3.66
C ARG D 90 22.00 -13.92 -4.65
N TYR D 91 21.31 -13.05 -5.39
CA TYR D 91 20.24 -13.45 -6.33
C TYR D 91 20.82 -14.17 -7.54
N ALA D 92 21.96 -13.75 -8.08
CA ALA D 92 22.65 -14.50 -9.16
C ALA D 92 23.00 -15.90 -8.68
N THR D 93 23.35 -16.07 -7.40
CA THR D 93 23.72 -17.39 -6.82
C THR D 93 22.46 -18.27 -6.72
N TYR D 94 21.35 -17.73 -6.24
CA TYR D 94 20.03 -18.40 -6.27
C TYR D 94 19.72 -18.87 -7.71
N ALA D 95 19.85 -18.00 -8.71
CA ALA D 95 19.50 -18.29 -10.12
C ALA D 95 20.38 -19.41 -10.65
N MET D 96 21.64 -19.40 -10.28
CA MET D 96 22.62 -20.43 -10.71
C MET D 96 22.22 -21.77 -10.06
N LEU D 97 21.87 -21.80 -8.79
CA LEU D 97 21.40 -23.06 -8.11
C LEU D 97 20.16 -23.59 -8.84
N ALA D 98 19.20 -22.71 -9.16
CA ALA D 98 17.93 -23.05 -9.85
C ALA D 98 18.19 -23.43 -11.32
N GLY D 99 19.29 -23.00 -11.92
CA GLY D 99 19.54 -23.10 -13.38
C GLY D 99 18.47 -22.39 -14.19
N ASP D 100 17.96 -21.28 -13.69
CA ASP D 100 16.81 -20.56 -14.29
C ASP D 100 16.84 -19.10 -13.82
N PRO D 101 16.66 -18.13 -14.74
CA PRO D 101 16.70 -16.71 -14.37
C PRO D 101 15.39 -16.11 -13.85
N SER D 102 14.29 -16.88 -13.75
CA SER D 102 12.95 -16.34 -13.42
C SER D 102 12.97 -15.63 -12.05
N ILE D 103 13.71 -16.11 -11.05
CA ILE D 103 13.83 -15.40 -9.74
C ILE D 103 14.33 -13.95 -9.96
N LEU D 104 15.17 -13.71 -10.95
CA LEU D 104 15.73 -12.36 -11.22
C LEU D 104 14.61 -11.44 -11.71
N ASP D 105 13.74 -11.91 -12.62
CA ASP D 105 12.59 -11.12 -13.13
C ASP D 105 11.64 -10.78 -11.99
N GLU D 106 11.39 -11.73 -11.10
CA GLU D 106 10.32 -11.65 -10.07
CA GLU D 106 10.32 -11.62 -10.08
C GLU D 106 10.83 -10.84 -8.87
N ARG D 107 12.10 -11.03 -8.46
CA ARG D 107 12.56 -10.54 -7.15
CA ARG D 107 12.56 -10.54 -7.13
C ARG D 107 13.64 -9.45 -7.26
N VAL D 108 14.23 -9.23 -8.43
CA VAL D 108 15.34 -8.21 -8.56
C VAL D 108 14.92 -7.10 -9.52
N LEU D 109 14.48 -7.44 -10.74
CA LEU D 109 14.41 -6.49 -11.90
C LEU D 109 13.07 -5.78 -12.00
N ASN D 110 12.04 -6.25 -11.31
CA ASN D 110 10.65 -5.72 -11.41
C ASN D 110 10.61 -4.31 -10.81
N GLY D 111 10.63 -3.27 -11.64
CA GLY D 111 10.63 -1.86 -11.17
C GLY D 111 12.02 -1.33 -10.78
N LEU D 112 13.09 -2.09 -11.00
CA LEU D 112 14.46 -1.69 -10.59
C LEU D 112 14.92 -0.52 -11.48
N LYS D 113 14.86 -0.66 -12.78
CA LYS D 113 15.26 0.44 -13.71
C LYS D 113 14.53 1.74 -13.32
N GLU D 114 13.24 1.67 -13.03
CA GLU D 114 12.39 2.85 -12.74
C GLU D 114 12.85 3.46 -11.41
N THR D 115 13.17 2.62 -10.43
CA THR D 115 13.73 3.08 -9.14
C THR D 115 15.07 3.80 -9.36
N TYR D 116 16.00 3.18 -10.08
CA TYR D 116 17.31 3.81 -10.34
C TYR D 116 17.06 5.14 -11.04
N ASN D 117 16.15 5.16 -12.04
CA ASN D 117 15.91 6.38 -12.85
C ASN D 117 15.32 7.46 -11.93
N SER D 118 14.42 7.13 -11.00
CA SER D 118 13.79 8.15 -10.14
C SER D 118 14.82 8.73 -9.15
N LEU D 119 15.84 7.95 -8.75
CA LEU D 119 16.85 8.42 -7.76
C LEU D 119 18.08 9.03 -8.42
N GLY D 120 18.28 8.83 -9.72
CA GLY D 120 19.52 9.24 -10.42
C GLY D 120 20.71 8.31 -10.18
N VAL D 121 20.47 7.03 -9.86
CA VAL D 121 21.54 6.02 -9.72
C VAL D 121 22.08 5.66 -11.10
N PRO D 122 23.38 5.81 -11.36
CA PRO D 122 23.93 5.63 -12.70
C PRO D 122 24.02 4.16 -13.11
N VAL D 123 23.29 3.82 -14.18
CA VAL D 123 23.22 2.43 -14.69
C VAL D 123 24.56 1.98 -15.26
N GLY D 124 25.26 2.82 -16.02
CA GLY D 124 26.54 2.43 -16.63
C GLY D 124 27.56 2.01 -15.60
N ALA D 125 27.71 2.81 -14.53
CA ALA D 125 28.64 2.47 -13.42
C ALA D 125 28.17 1.21 -12.69
N THR D 126 26.85 1.01 -12.54
CA THR D 126 26.34 -0.21 -11.87
C THR D 126 26.74 -1.43 -12.71
N VAL D 127 26.56 -1.35 -14.03
CA VAL D 127 26.92 -2.47 -14.94
C VAL D 127 28.42 -2.74 -14.86
N GLN D 128 29.26 -1.71 -14.75
CA GLN D 128 30.72 -1.89 -14.61
C GLN D 128 31.01 -2.63 -13.31
N ALA D 129 30.34 -2.28 -12.20
CA ALA D 129 30.56 -2.98 -10.91
C ALA D 129 30.12 -4.45 -11.04
N ILE D 130 28.99 -4.73 -11.70
CA ILE D 130 28.46 -6.12 -11.88
C ILE D 130 29.48 -6.90 -12.72
N GLN D 131 30.06 -6.27 -13.74
CA GLN D 131 31.10 -6.91 -14.60
C GLN D 131 32.30 -7.25 -13.72
N ALA D 132 32.73 -6.34 -12.82
CA ALA D 132 33.82 -6.64 -11.85
C ALA D 132 33.42 -7.81 -10.94
N ILE D 133 32.19 -7.83 -10.42
CA ILE D 133 31.73 -8.99 -9.59
C ILE D 133 31.83 -10.28 -10.42
N LYS D 134 31.41 -10.23 -11.67
CA LYS D 134 31.46 -11.43 -12.55
C LYS D 134 32.90 -11.94 -12.64
N GLU D 135 33.86 -11.05 -12.91
CA GLU D 135 35.28 -11.43 -13.09
C GLU D 135 35.87 -11.92 -11.76
N VAL D 136 35.58 -11.27 -10.63
CA VAL D 136 36.14 -11.72 -9.32
C VAL D 136 35.53 -13.07 -8.93
N THR D 137 34.22 -13.25 -9.10
CA THR D 137 33.54 -14.55 -8.83
C THR D 137 34.21 -15.65 -9.65
N ALA D 138 34.40 -15.42 -10.95
CA ALA D 138 35.01 -16.40 -11.89
C ALA D 138 36.39 -16.83 -11.39
N SER D 139 37.18 -15.87 -10.85
CA SER D 139 38.54 -16.16 -10.31
C SER D 139 38.46 -17.14 -9.14
N LEU D 140 37.34 -17.20 -8.43
CA LEU D 140 37.21 -18.09 -7.23
CA LEU D 140 37.21 -18.09 -7.24
C LEU D 140 36.55 -19.43 -7.60
N VAL D 141 35.54 -19.43 -8.49
CA VAL D 141 34.71 -20.66 -8.72
C VAL D 141 35.23 -21.44 -9.92
N GLY D 142 36.10 -20.85 -10.75
CA GLY D 142 36.65 -21.54 -11.92
C GLY D 142 35.90 -21.15 -13.20
N PRO D 143 36.44 -21.50 -14.38
CA PRO D 143 35.91 -20.97 -15.63
C PRO D 143 34.47 -21.41 -15.95
N ASP D 144 34.13 -22.67 -15.68
CA ASP D 144 32.80 -23.27 -15.99
C ASP D 144 31.73 -22.60 -15.12
N ALA D 145 31.89 -22.69 -13.81
CA ALA D 145 31.01 -22.01 -12.82
C ALA D 145 31.01 -20.50 -13.08
N GLY D 146 32.14 -19.90 -13.50
CA GLY D 146 32.25 -18.46 -13.74
C GLY D 146 31.41 -18.04 -14.92
N LYS D 147 31.41 -18.84 -15.98
CA LYS D 147 30.60 -18.58 -17.18
C LYS D 147 29.11 -18.72 -16.84
N GLU D 148 28.74 -19.75 -16.07
CA GLU D 148 27.34 -19.99 -15.67
C GLU D 148 26.86 -18.81 -14.79
N MET D 149 27.64 -18.42 -13.78
CA MET D 149 27.31 -17.21 -12.96
C MET D 149 27.19 -15.99 -13.88
N GLY D 150 28.05 -15.86 -14.90
CA GLY D 150 28.08 -14.71 -15.82
C GLY D 150 26.79 -14.57 -16.60
N VAL D 151 26.15 -15.70 -16.95
CA VAL D 151 24.82 -15.68 -17.62
C VAL D 151 23.85 -14.88 -16.73
N TYR D 152 23.84 -15.13 -15.42
CA TYR D 152 22.89 -14.46 -14.48
C TYR D 152 23.31 -13.02 -14.20
N PHE D 153 24.60 -12.73 -14.08
CA PHE D 153 25.09 -11.30 -13.91
C PHE D 153 24.69 -10.49 -15.13
N ASP D 154 24.88 -11.07 -16.33
CA ASP D 154 24.53 -10.40 -17.62
C ASP D 154 23.02 -10.17 -17.71
N TYR D 155 22.24 -11.14 -17.20
CA TYR D 155 20.76 -11.04 -17.16
C TYR D 155 20.33 -9.86 -16.30
N ILE D 156 20.95 -9.68 -15.13
CA ILE D 156 20.67 -8.50 -14.25
C ILE D 156 21.04 -7.21 -15.00
N CYS D 157 22.22 -7.14 -15.57
CA CYS D 157 22.67 -5.93 -16.32
C CYS D 157 21.71 -5.55 -17.42
N SER D 158 21.29 -6.54 -18.23
CA SER D 158 20.37 -6.32 -19.36
C SER D 158 19.04 -5.78 -18.86
N GLY D 159 18.60 -6.26 -17.69
CA GLY D 159 17.34 -5.81 -17.09
C GLY D 159 17.41 -4.39 -16.58
N LEU D 160 18.59 -3.80 -16.46
CA LEU D 160 18.76 -2.39 -16.05
C LEU D 160 18.72 -1.46 -17.26
N SER D 161 18.85 -2.02 -18.46
CA SER D 161 18.67 -1.27 -19.74
C SER D 161 17.18 -1.30 -20.14
N SER E 1 19.57 21.21 9.94
CA SER E 1 19.67 22.36 10.83
C SER E 1 18.65 22.25 11.95
N ILE E 2 18.81 23.07 12.97
CA ILE E 2 17.83 23.09 14.10
CA ILE E 2 17.84 23.13 14.11
C ILE E 2 16.45 23.48 13.55
N VAL E 3 16.40 24.27 12.48
CA VAL E 3 15.11 24.72 11.88
C VAL E 3 14.40 23.51 11.26
N THR E 4 15.06 22.78 10.37
CA THR E 4 14.47 21.59 9.72
C THR E 4 14.09 20.55 10.79
N LYS E 5 14.93 20.34 11.81
CA LYS E 5 14.67 19.29 12.83
CA LYS E 5 14.69 19.31 12.85
C LYS E 5 13.40 19.65 13.62
N SER E 6 13.28 20.91 14.07
CA SER E 6 12.06 21.42 14.74
C SER E 6 10.83 21.20 13.84
N ILE E 7 10.93 21.49 12.54
CA ILE E 7 9.78 21.41 11.61
C ILE E 7 9.38 19.93 11.47
N VAL E 8 10.35 19.05 11.28
CA VAL E 8 10.10 17.61 11.03
C VAL E 8 9.42 16.99 12.27
N ASN E 9 9.86 17.37 13.47
CA ASN E 9 9.31 16.91 14.77
C ASN E 9 7.87 17.42 14.90
N ALA E 10 7.62 18.70 14.63
CA ALA E 10 6.26 19.30 14.67
C ALA E 10 5.37 18.60 13.63
N ASP E 11 5.86 18.41 12.40
CA ASP E 11 5.03 17.81 11.33
C ASP E 11 4.62 16.37 11.71
N ALA E 12 5.51 15.63 12.40
CA ALA E 12 5.25 14.22 12.76
C ALA E 12 4.12 14.14 13.79
N GLU E 13 3.91 15.19 14.60
CA GLU E 13 2.79 15.31 15.57
C GLU E 13 1.70 16.26 15.06
N ALA E 14 1.66 16.56 13.75
CA ALA E 14 0.63 17.39 13.08
C ALA E 14 0.36 18.67 13.87
N ARG E 15 1.39 19.39 14.26
CA ARG E 15 1.25 20.62 15.08
C ARG E 15 2.22 21.71 14.63
N TYR E 16 1.94 22.91 15.12
CA TYR E 16 2.83 24.09 14.99
C TYR E 16 4.01 23.81 15.91
N LEU E 17 5.12 24.51 15.67
CA LEU E 17 6.25 24.50 16.63
C LEU E 17 5.71 25.01 17.97
N SER E 18 6.16 24.39 19.06
CA SER E 18 5.90 24.85 20.44
C SER E 18 6.64 26.16 20.68
N PRO E 19 6.23 26.97 21.69
CA PRO E 19 6.99 28.17 22.05
C PRO E 19 8.42 27.84 22.50
N GLY E 20 8.65 26.63 23.02
CA GLY E 20 9.99 26.13 23.41
C GLY E 20 10.89 25.89 22.21
N GLU E 21 10.37 25.22 21.19
CA GLU E 21 11.07 25.03 19.90
C GLU E 21 11.39 26.42 19.29
N LEU E 22 10.45 27.36 19.32
CA LEU E 22 10.61 28.70 18.66
C LEU E 22 11.68 29.48 19.44
N ASP E 23 11.73 29.33 20.76
CA ASP E 23 12.74 29.98 21.64
CA ASP E 23 12.75 29.99 21.62
C ASP E 23 14.14 29.44 21.28
N ARG E 24 14.27 28.13 21.07
CA ARG E 24 15.57 27.52 20.69
CA ARG E 24 15.56 27.51 20.68
C ARG E 24 16.02 28.12 19.35
N ILE E 25 15.11 28.27 18.40
CA ILE E 25 15.46 28.84 17.06
C ILE E 25 15.92 30.28 17.25
N LYS E 26 15.22 31.07 18.05
CA LYS E 26 15.57 32.48 18.35
C LYS E 26 16.98 32.53 18.96
N SER E 27 17.28 31.65 19.89
CA SER E 27 18.61 31.57 20.54
C SER E 27 19.68 31.22 19.51
N PHE E 28 19.43 30.21 18.69
CA PHE E 28 20.32 29.80 17.56
C PHE E 28 20.67 31.00 16.68
N VAL E 29 19.66 31.72 16.18
CA VAL E 29 19.85 32.83 15.19
C VAL E 29 20.66 33.95 15.87
N SER E 30 20.41 34.18 17.15
CA SER E 30 21.08 35.26 17.91
C SER E 30 22.57 34.95 18.07
N GLY E 31 22.94 33.68 18.24
CA GLY E 31 24.36 33.29 18.32
C GLY E 31 24.95 32.95 16.96
N GLY E 32 24.25 33.17 15.85
CA GLY E 32 24.64 32.67 14.50
C GLY E 32 26.02 33.15 14.08
N ALA E 33 26.35 34.42 14.32
CA ALA E 33 27.65 35.01 13.94
C ALA E 33 28.79 34.33 14.72
N GLN E 34 28.60 34.05 16.00
CA GLN E 34 29.59 33.32 16.83
C GLN E 34 29.80 31.90 16.27
N ARG E 35 28.76 31.20 15.80
CA ARG E 35 28.89 29.84 15.21
CA ARG E 35 28.93 29.84 15.25
C ARG E 35 29.75 29.94 13.94
N LEU E 36 29.51 30.95 13.10
CA LEU E 36 30.32 31.17 11.89
C LEU E 36 31.80 31.38 12.28
N ARG E 37 32.07 32.14 13.35
CA ARG E 37 33.47 32.40 13.77
CA ARG E 37 33.45 32.41 13.86
C ARG E 37 34.14 31.09 14.22
N ILE E 38 33.44 30.22 14.96
CA ILE E 38 33.98 28.89 15.38
C ILE E 38 34.32 28.08 14.12
N ALA E 39 33.41 27.99 13.16
CA ALA E 39 33.63 27.25 11.90
C ALA E 39 34.86 27.82 11.19
N GLN E 40 35.05 29.13 11.21
CA GLN E 40 36.18 29.77 10.48
C GLN E 40 37.52 29.39 11.14
N VAL E 41 37.57 29.32 12.47
CA VAL E 41 38.80 28.90 13.20
C VAL E 41 39.14 27.44 12.80
N LEU E 42 38.18 26.51 12.82
CA LEU E 42 38.44 25.09 12.42
C LEU E 42 38.88 25.04 10.96
N THR E 43 38.22 25.80 10.08
CA THR E 43 38.57 25.88 8.64
C THR E 43 40.02 26.35 8.48
N ASP E 44 40.36 27.45 9.17
CA ASP E 44 41.69 28.10 9.01
C ASP E 44 42.79 27.17 9.51
N ASN E 45 42.53 26.30 10.48
CA ASN E 45 43.54 25.46 11.18
C ASN E 45 43.44 23.99 10.78
N ARG E 46 42.77 23.69 9.66
CA ARG E 46 42.47 22.27 9.30
C ARG E 46 43.76 21.46 9.14
N GLU E 47 44.82 22.00 8.55
CA GLU E 47 46.10 21.23 8.38
C GLU E 47 46.67 20.78 9.72
N ARG E 48 46.74 21.69 10.68
CA ARG E 48 47.25 21.42 12.06
CA ARG E 48 47.24 21.45 12.06
C ARG E 48 46.36 20.40 12.76
N ILE E 49 45.06 20.59 12.70
CA ILE E 49 44.06 19.74 13.39
C ILE E 49 44.19 18.31 12.87
N VAL E 50 44.18 18.12 11.56
CA VAL E 50 44.23 16.78 10.91
C VAL E 50 45.61 16.15 11.17
N LYS E 51 46.70 16.86 10.91
CA LYS E 51 48.09 16.31 11.03
CA LYS E 51 48.09 16.33 11.02
C LYS E 51 48.37 15.88 12.47
N GLN E 52 48.09 16.74 13.44
CA GLN E 52 48.37 16.44 14.87
C GLN E 52 47.44 15.35 15.36
N ALA E 53 46.20 15.30 14.90
CA ALA E 53 45.27 14.21 15.28
C ALA E 53 45.81 12.87 14.73
N GLY E 54 46.27 12.88 13.48
CA GLY E 54 46.86 11.69 12.85
C GLY E 54 48.05 11.17 13.68
N ASP E 55 48.93 12.08 14.09
CA ASP E 55 50.14 11.74 14.88
C ASP E 55 49.72 11.10 16.20
N GLN E 56 48.74 11.68 16.88
CA GLN E 56 48.23 11.12 18.15
C GLN E 56 47.65 9.72 17.90
N LEU E 57 46.84 9.56 16.85
CA LEU E 57 46.17 8.26 16.56
C LEU E 57 47.25 7.19 16.31
N PHE E 58 48.25 7.51 15.48
CA PHE E 58 49.25 6.49 15.05
C PHE E 58 50.20 6.17 16.22
N GLN E 59 50.31 7.03 17.22
CA GLN E 59 51.08 6.74 18.47
C GLN E 59 50.31 5.71 19.33
N LYS E 60 48.99 5.78 19.37
CA LYS E 60 48.15 4.86 20.17
C LYS E 60 47.85 3.58 19.38
N ARG E 61 47.74 3.66 18.07
CA ARG E 61 47.34 2.53 17.21
C ARG E 61 48.36 2.43 16.08
N PRO E 62 49.66 2.19 16.38
CA PRO E 62 50.67 2.06 15.33
C PRO E 62 50.42 0.84 14.44
N ASP E 63 49.60 -0.13 14.92
CA ASP E 63 49.20 -1.31 14.12
C ASP E 63 48.53 -0.90 12.80
N VAL E 64 47.76 0.18 12.77
CA VAL E 64 46.97 0.51 11.53
C VAL E 64 47.91 1.04 10.44
N VAL E 65 49.11 1.50 10.79
CA VAL E 65 50.11 1.94 9.79
C VAL E 65 51.30 0.98 9.77
N SER E 66 51.13 -0.26 10.26
CA SER E 66 52.14 -1.34 10.17
C SER E 66 51.72 -2.32 9.09
N PRO E 67 52.63 -3.18 8.58
CA PRO E 67 52.24 -4.19 7.59
C PRO E 67 51.00 -4.97 8.05
N GLY E 68 50.04 -5.15 7.13
CA GLY E 68 48.74 -5.77 7.40
C GLY E 68 47.66 -4.78 7.82
N GLY E 69 48.05 -3.60 8.32
CA GLY E 69 47.09 -2.57 8.77
C GLY E 69 46.41 -1.87 7.59
N ASN E 70 45.21 -1.37 7.80
CA ASN E 70 44.36 -0.75 6.75
C ASN E 70 45.07 0.48 6.16
N ALA E 71 45.83 1.23 6.97
CA ALA E 71 46.46 2.51 6.59
C ALA E 71 47.97 2.32 6.28
N TYR E 72 48.43 1.08 6.06
CA TYR E 72 49.86 0.81 5.80
C TYR E 72 50.28 1.42 4.44
N GLY E 73 51.37 2.13 4.42
CA GLY E 73 51.93 2.69 3.16
C GLY E 73 51.54 4.16 3.00
N GLN E 74 52.34 4.90 2.25
CA GLN E 74 52.20 6.38 2.07
C GLN E 74 50.78 6.68 1.56
N GLU E 75 50.31 5.98 0.53
CA GLU E 75 49.01 6.28 -0.12
C GLU E 75 47.82 6.02 0.83
N MET E 76 47.81 4.89 1.56
CA MET E 76 46.68 4.53 2.46
CA MET E 76 46.67 4.55 2.44
C MET E 76 46.71 5.47 3.67
N THR E 77 47.89 5.81 4.17
CA THR E 77 48.03 6.79 5.28
C THR E 77 47.41 8.14 4.83
N ALA E 78 47.71 8.59 3.61
CA ALA E 78 47.17 9.86 3.08
C ALA E 78 45.65 9.78 3.03
N THR E 79 45.10 8.63 2.60
CA THR E 79 43.64 8.49 2.47
C THR E 79 43.02 8.57 3.86
N CYS E 80 43.68 7.97 4.85
CA CYS E 80 43.24 7.99 6.26
C CYS E 80 43.11 9.44 6.72
N LEU E 81 44.11 10.28 6.45
CA LEU E 81 44.09 11.69 6.89
C LEU E 81 43.04 12.45 6.07
N ARG E 82 42.81 12.08 4.83
CA ARG E 82 41.71 12.67 4.00
C ARG E 82 40.36 12.45 4.70
N ASP E 83 40.11 11.26 5.22
CA ASP E 83 38.83 10.93 5.93
C ASP E 83 38.72 11.80 7.18
N LEU E 84 39.80 12.02 7.91
CA LEU E 84 39.73 12.90 9.09
C LEU E 84 39.35 14.33 8.65
N ASP E 85 39.95 14.81 7.58
CA ASP E 85 39.60 16.12 6.98
C ASP E 85 38.10 16.15 6.56
N TYR E 86 37.57 15.12 5.95
CA TYR E 86 36.10 14.99 5.67
C TYR E 86 35.30 15.19 6.96
N TYR E 87 35.65 14.51 8.06
CA TYR E 87 34.87 14.61 9.32
C TYR E 87 35.01 16.00 9.97
N LEU E 88 36.20 16.61 9.91
CA LEU E 88 36.36 17.99 10.40
C LEU E 88 35.42 18.92 9.61
N ARG E 89 35.38 18.78 8.27
CA ARG E 89 34.47 19.55 7.40
C ARG E 89 33.01 19.36 7.84
N LEU E 90 32.57 18.12 8.08
CA LEU E 90 31.17 17.86 8.50
C LEU E 90 30.91 18.53 9.85
N VAL E 91 31.87 18.48 10.77
CA VAL E 91 31.72 19.13 12.11
C VAL E 91 31.51 20.64 11.92
N THR E 92 32.21 21.30 11.01
CA THR E 92 31.98 22.75 10.73
C THR E 92 30.52 22.97 10.25
N TYR E 93 29.99 22.09 9.41
CA TYR E 93 28.59 22.14 8.92
C TYR E 93 27.63 22.03 10.11
N GLY E 94 27.83 21.03 10.98
CA GLY E 94 26.98 20.85 12.18
C GLY E 94 26.96 22.12 13.03
N ILE E 95 28.12 22.69 13.27
CA ILE E 95 28.25 23.90 14.14
C ILE E 95 27.41 25.05 13.57
N VAL E 96 27.50 25.36 12.27
CA VAL E 96 26.73 26.48 11.70
C VAL E 96 25.23 26.14 11.66
N ALA E 97 24.86 24.84 11.59
CA ALA E 97 23.45 24.42 11.42
C ALA E 97 22.74 24.33 12.78
N GLY E 98 23.50 24.27 13.87
CA GLY E 98 22.98 24.15 15.24
C GLY E 98 22.34 22.81 15.51
N ASP E 99 22.69 21.79 14.73
CA ASP E 99 22.10 20.44 14.81
C ASP E 99 23.01 19.46 14.03
N VAL E 100 22.97 18.18 14.34
CA VAL E 100 23.91 17.15 13.79
C VAL E 100 23.41 16.64 12.44
N THR E 101 22.25 17.07 11.95
CA THR E 101 21.61 16.55 10.71
C THR E 101 22.61 16.46 9.55
N PRO E 102 23.36 17.53 9.20
CA PRO E 102 24.26 17.43 8.04
C PRO E 102 25.35 16.38 8.27
N ILE E 103 25.83 16.25 9.50
CA ILE E 103 26.83 15.21 9.84
C ILE E 103 26.20 13.83 9.64
N GLU E 104 25.02 13.62 10.21
CA GLU E 104 24.30 12.34 10.16
C GLU E 104 24.10 11.91 8.71
N GLU E 105 23.58 12.83 7.88
CA GLU E 105 23.11 12.51 6.52
C GLU E 105 24.30 12.29 5.58
N ILE E 106 25.44 12.96 5.81
CA ILE E 106 26.61 12.88 4.89
C ILE E 106 27.57 11.78 5.36
N GLY E 107 27.83 11.66 6.67
CA GLY E 107 28.95 10.86 7.18
C GLY E 107 28.63 9.82 8.24
N ILE E 108 27.38 9.64 8.66
CA ILE E 108 27.07 8.65 9.74
C ILE E 108 26.15 7.53 9.25
N VAL E 109 25.06 7.84 8.53
CA VAL E 109 24.17 6.76 8.05
C VAL E 109 25.01 5.85 7.15
N GLY E 110 25.04 4.55 7.45
CA GLY E 110 25.79 3.59 6.64
C GLY E 110 27.29 3.57 6.90
N VAL E 111 27.83 4.36 7.85
CA VAL E 111 29.29 4.46 8.08
C VAL E 111 29.88 3.10 8.48
N ARG E 112 29.21 2.34 9.33
CA ARG E 112 29.73 1.03 9.77
C ARG E 112 29.84 0.08 8.57
N GLU E 113 28.85 0.09 7.68
CA GLU E 113 28.79 -0.77 6.49
C GLU E 113 29.96 -0.42 5.55
N MET E 114 30.20 0.87 5.33
CA MET E 114 31.29 1.35 4.44
C MET E 114 32.63 0.86 5.00
N TYR E 115 32.94 1.23 6.25
CA TYR E 115 34.28 0.92 6.81
C TYR E 115 34.47 -0.61 6.97
N LYS E 116 33.42 -1.35 7.28
CA LYS E 116 33.51 -2.83 7.34
C LYS E 116 33.89 -3.40 5.96
N SER E 117 33.25 -2.96 4.86
CA SER E 117 33.61 -3.39 3.48
C SER E 117 35.08 -3.05 3.17
N LEU E 118 35.53 -1.87 3.54
CA LEU E 118 36.92 -1.40 3.27
C LEU E 118 37.94 -2.11 4.17
N GLY E 119 37.52 -2.76 5.26
CA GLY E 119 38.48 -3.37 6.20
C GLY E 119 39.07 -2.36 7.19
N THR E 120 38.52 -1.15 7.29
CA THR E 120 38.99 -0.07 8.16
C THR E 120 38.47 -0.27 9.57
N PRO E 121 39.35 -0.29 10.60
CA PRO E 121 38.88 -0.37 11.98
C PRO E 121 38.20 0.94 12.43
N ILE E 122 36.88 0.89 12.60
CA ILE E 122 36.09 2.12 12.85
C ILE E 122 36.38 2.68 14.27
N ASP E 123 36.85 1.85 15.20
CA ASP E 123 37.28 2.29 16.56
C ASP E 123 38.50 3.23 16.43
N ALA E 124 39.39 3.00 15.48
CA ALA E 124 40.56 3.86 15.23
C ALA E 124 40.12 5.15 14.51
N VAL E 125 39.14 5.09 13.60
CA VAL E 125 38.55 6.32 12.97
C VAL E 125 38.00 7.20 14.12
N ALA E 126 37.23 6.62 15.02
CA ALA E 126 36.64 7.34 16.19
C ALA E 126 37.77 7.95 17.01
N GLY E 127 38.86 7.21 17.25
CA GLY E 127 40.03 7.72 17.95
C GLY E 127 40.65 8.93 17.25
N GLY E 128 40.72 8.91 15.92
CA GLY E 128 41.20 10.07 15.14
C GLY E 128 40.28 11.27 15.31
N VAL E 129 38.98 11.08 15.34
CA VAL E 129 38.02 12.21 15.48
C VAL E 129 38.14 12.79 16.91
N ALA E 130 38.29 11.92 17.93
CA ALA E 130 38.49 12.35 19.33
C ALA E 130 39.79 13.15 19.42
N ALA E 131 40.84 12.73 18.71
CA ALA E 131 42.12 13.45 18.70
C ALA E 131 41.92 14.84 18.08
N MET E 132 41.13 14.96 17.00
CA MET E 132 40.88 16.26 16.35
C MET E 132 40.18 17.19 17.37
N LYS E 133 39.25 16.67 18.15
CA LYS E 133 38.54 17.47 19.18
C LYS E 133 39.57 18.08 20.15
N SER E 134 40.53 17.29 20.62
CA SER E 134 41.52 17.78 21.62
CA SER E 134 41.55 17.75 21.60
C SER E 134 42.40 18.85 20.97
N VAL E 135 42.83 18.68 19.72
CA VAL E 135 43.67 19.71 19.03
C VAL E 135 42.83 20.97 18.81
N ALA E 136 41.61 20.83 18.29
CA ALA E 136 40.69 21.96 18.02
C ALA E 136 40.47 22.76 19.31
N ALA E 137 40.30 22.07 20.44
CA ALA E 137 39.95 22.70 21.73
C ALA E 137 41.06 23.69 22.12
N GLY E 138 42.31 23.39 21.76
CA GLY E 138 43.48 24.26 22.01
C GLY E 138 43.43 25.58 21.25
N LEU E 139 42.54 25.73 20.26
CA LEU E 139 42.47 26.92 19.37
C LEU E 139 41.26 27.78 19.74
N LEU E 140 40.47 27.37 20.74
CA LEU E 140 39.17 28.00 21.04
C LEU E 140 39.12 28.40 22.51
N SER E 141 38.31 29.42 22.82
CA SER E 141 37.84 29.74 24.20
C SER E 141 37.20 28.48 24.78
N ALA E 142 37.07 28.41 26.10
CA ALA E 142 36.42 27.30 26.84
C ALA E 142 34.98 27.12 26.33
N GLU E 143 34.28 28.23 26.13
CA GLU E 143 32.85 28.25 25.69
C GLU E 143 32.77 27.65 24.29
N ASP E 144 33.63 28.14 23.37
CA ASP E 144 33.64 27.73 21.95
C ASP E 144 34.05 26.24 21.84
N ALA E 145 35.03 25.80 22.62
CA ALA E 145 35.50 24.39 22.66
C ALA E 145 34.36 23.49 23.13
N GLY E 146 33.56 23.94 24.10
CA GLY E 146 32.39 23.19 24.58
C GLY E 146 31.37 22.98 23.48
N GLU E 147 31.09 24.03 22.70
CA GLU E 147 30.13 23.97 21.57
C GLU E 147 30.67 23.05 20.46
N ALA E 148 31.91 23.28 20.01
CA ALA E 148 32.53 22.49 18.93
C ALA E 148 32.62 21.02 19.38
N GLY E 149 32.98 20.81 20.65
CA GLY E 149 33.21 19.49 21.26
C GLY E 149 31.98 18.61 21.19
N ALA E 150 30.78 19.20 21.29
CA ALA E 150 29.51 18.45 21.23
C ALA E 150 29.37 17.77 19.86
N TYR E 151 29.86 18.38 18.79
CA TYR E 151 29.73 17.84 17.41
C TYR E 151 30.78 16.75 17.21
N PHE E 152 32.03 16.95 17.65
CA PHE E 152 33.06 15.89 17.68
C PHE E 152 32.53 14.69 18.45
N ASP E 153 31.96 14.93 19.63
CA ASP E 153 31.46 13.86 20.54
C ASP E 153 30.34 13.08 19.84
N TYR E 154 29.50 13.76 19.08
CA TYR E 154 28.40 13.11 18.33
C TYR E 154 29.02 12.11 17.34
N VAL E 155 30.04 12.52 16.60
CA VAL E 155 30.69 11.61 15.60
C VAL E 155 31.29 10.40 16.31
N VAL E 156 32.06 10.64 17.38
CA VAL E 156 32.74 9.55 18.13
C VAL E 156 31.68 8.58 18.66
N GLY E 157 30.62 9.09 19.28
CA GLY E 157 29.52 8.26 19.84
C GLY E 157 28.79 7.49 18.76
N ALA E 158 28.60 8.05 17.58
CA ALA E 158 27.87 7.37 16.48
C ALA E 158 28.74 6.28 15.84
N MET E 159 30.06 6.27 16.04
CA MET E 159 30.96 5.22 15.49
C MET E 159 31.26 4.08 16.50
N GLN E 160 30.69 4.07 17.71
CA GLN E 160 31.25 3.21 18.81
C GLN E 160 30.57 1.84 18.82
N MET F 1 13.23 17.68 2.75
CA MET F 1 13.09 19.14 2.62
C MET F 1 14.46 19.78 2.89
N GLN F 2 14.67 21.00 2.40
CA GLN F 2 15.83 21.81 2.85
C GLN F 2 15.32 23.15 3.37
N ASP F 3 16.13 23.80 4.19
CA ASP F 3 15.93 25.20 4.64
C ASP F 3 17.07 26.05 4.03
N ALA F 4 17.09 27.34 4.35
CA ALA F 4 18.08 28.32 3.84
C ALA F 4 19.50 27.90 4.26
N ILE F 5 19.63 27.31 5.44
CA ILE F 5 20.96 26.87 5.99
C ILE F 5 21.44 25.61 5.26
N THR F 6 20.61 24.58 5.15
CA THR F 6 21.02 23.28 4.56
CA THR F 6 21.05 23.29 4.56
CA THR F 6 20.93 23.27 4.53
C THR F 6 21.24 23.45 3.04
N SER F 7 20.55 24.41 2.41
CA SER F 7 20.79 24.67 0.97
CA SER F 7 20.78 24.69 0.96
C SER F 7 22.25 25.12 0.75
N VAL F 8 22.73 26.02 1.60
CA VAL F 8 24.15 26.49 1.56
C VAL F 8 25.09 25.31 1.90
N ILE F 9 24.80 24.56 2.94
CA ILE F 9 25.67 23.42 3.34
C ILE F 9 25.73 22.41 2.17
N ASN F 10 24.59 22.09 1.59
CA ASN F 10 24.52 21.08 0.49
CA ASN F 10 24.54 21.07 0.50
C ASN F 10 25.33 21.57 -0.71
N SER F 11 25.26 22.86 -1.04
CA SER F 11 26.03 23.45 -2.16
CA SER F 11 26.04 23.49 -2.14
C SER F 11 27.55 23.38 -1.88
N SER F 12 27.99 23.54 -0.64
CA SER F 12 29.42 23.41 -0.27
C SER F 12 29.83 21.93 -0.30
N ASP F 13 29.01 21.04 0.24
CA ASP F 13 29.32 19.60 0.38
C ASP F 13 29.45 18.95 -1.02
N VAL F 14 28.58 19.30 -1.98
CA VAL F 14 28.64 18.70 -3.35
CA VAL F 14 28.62 18.76 -3.36
C VAL F 14 29.97 19.11 -4.02
N GLN F 15 30.59 20.21 -3.62
CA GLN F 15 31.91 20.63 -4.13
C GLN F 15 33.06 20.16 -3.23
N GLY F 16 32.79 19.48 -2.12
CA GLY F 16 33.85 19.06 -1.18
C GLY F 16 34.48 20.24 -0.46
N LYS F 17 33.76 21.36 -0.25
CA LYS F 17 34.35 22.61 0.26
C LYS F 17 33.87 22.88 1.68
N TYR F 18 34.79 23.38 2.49
CA TYR F 18 34.48 24.14 3.73
C TYR F 18 33.73 25.41 3.30
N LEU F 19 32.96 26.00 4.18
CA LEU F 19 32.12 27.18 3.90
C LEU F 19 33.05 28.35 3.53
N ASP F 20 32.91 28.87 2.31
CA ASP F 20 33.75 30.00 1.85
C ASP F 20 33.01 31.33 2.14
N ASN F 21 33.62 32.45 1.79
CA ASN F 21 33.08 33.80 2.12
CA ASN F 21 33.09 33.81 2.09
C ASN F 21 31.65 33.94 1.58
N ALA F 22 31.39 33.51 0.34
CA ALA F 22 30.06 33.60 -0.28
C ALA F 22 29.02 32.78 0.50
N ALA F 23 29.38 31.56 0.92
CA ALA F 23 28.47 30.69 1.70
C ALA F 23 28.18 31.36 3.07
N LEU F 24 29.20 31.88 3.74
CA LEU F 24 29.04 32.53 5.07
C LEU F 24 28.15 33.77 4.93
N GLU F 25 28.26 34.53 3.84
CA GLU F 25 27.42 35.72 3.60
C GLU F 25 25.95 35.28 3.45
N LYS F 26 25.67 34.19 2.74
CA LYS F 26 24.29 33.66 2.61
C LYS F 26 23.75 33.25 4.00
N LEU F 27 24.55 32.57 4.81
CA LEU F 27 24.12 32.18 6.18
C LEU F 27 23.83 33.44 7.04
N LYS F 28 24.68 34.44 6.94
CA LYS F 28 24.44 35.76 7.62
C LYS F 28 23.12 36.39 7.14
N GLY F 29 22.76 36.24 5.88
CA GLY F 29 21.47 36.69 5.32
C GLY F 29 20.31 36.05 6.07
N TYR F 30 20.37 34.75 6.36
CA TYR F 30 19.30 34.07 7.13
C TYR F 30 19.31 34.58 8.59
N PHE F 31 20.49 34.60 9.22
CA PHE F 31 20.60 35.00 10.65
C PHE F 31 20.13 36.44 10.87
N ALA F 32 20.35 37.34 9.91
CA ALA F 32 20.04 38.80 10.03
C ALA F 32 18.55 39.02 10.40
N THR F 33 17.64 38.26 9.80
CA THR F 33 16.18 38.46 9.95
C THR F 33 15.47 37.22 10.46
N GLY F 34 16.21 36.20 10.92
CA GLY F 34 15.60 34.94 11.37
C GLY F 34 14.61 35.15 12.50
N GLU F 35 14.87 36.08 13.42
CA GLU F 35 14.01 36.33 14.59
CA GLU F 35 14.00 36.27 14.58
C GLU F 35 12.64 36.84 14.09
N LEU F 36 12.59 37.62 13.01
CA LEU F 36 11.31 38.09 12.43
C LEU F 36 10.48 36.90 11.92
N ARG F 37 11.12 35.85 11.39
CA ARG F 37 10.38 34.64 10.95
C ARG F 37 9.80 33.95 12.20
N VAL F 38 10.58 33.86 13.27
CA VAL F 38 10.15 33.18 14.53
C VAL F 38 8.95 33.94 15.11
N ARG F 39 9.00 35.28 15.10
CA ARG F 39 7.94 36.16 15.65
CA ARG F 39 7.92 36.08 15.71
C ARG F 39 6.64 35.90 14.88
N ALA F 40 6.72 35.88 13.54
CA ALA F 40 5.53 35.71 12.69
C ALA F 40 4.94 34.31 12.97
N ALA F 41 5.79 33.28 13.08
CA ALA F 41 5.37 31.89 13.35
C ALA F 41 4.66 31.78 14.73
N THR F 42 5.14 32.49 15.74
CA THR F 42 4.55 32.52 17.10
C THR F 42 3.11 33.09 17.02
N THR F 43 2.94 34.22 16.35
CA THR F 43 1.63 34.86 16.18
C THR F 43 0.65 33.97 15.42
N ILE F 44 1.09 33.37 14.29
CA ILE F 44 0.22 32.48 13.48
C ILE F 44 -0.22 31.27 14.32
N SER F 45 0.74 30.61 14.98
CA SER F 45 0.48 29.40 15.80
CA SER F 45 0.48 29.41 15.82
C SER F 45 -0.59 29.70 16.86
N ALA F 46 -0.47 30.84 17.54
CA ALA F 46 -1.37 31.24 18.63
C ALA F 46 -2.78 31.53 18.07
N ASN F 47 -2.93 31.84 16.79
CA ASN F 47 -4.18 32.35 16.18
C ASN F 47 -4.65 31.46 15.03
N ALA F 48 -4.12 30.24 14.91
CA ALA F 48 -4.28 29.43 13.66
C ALA F 48 -5.76 29.14 13.37
N ALA F 49 -6.52 28.70 14.40
CA ALA F 49 -7.95 28.35 14.21
C ALA F 49 -8.73 29.61 13.83
N ALA F 50 -8.44 30.75 14.48
CA ALA F 50 -9.12 32.06 14.23
C ALA F 50 -8.81 32.57 12.81
N ILE F 51 -7.58 32.38 12.31
CA ILE F 51 -7.21 32.86 10.94
C ILE F 51 -8.07 32.09 9.91
N VAL F 52 -8.15 30.77 10.04
CA VAL F 52 -8.92 29.94 9.09
C VAL F 52 -10.41 30.30 9.23
N LYS F 53 -10.94 30.42 10.44
CA LYS F 53 -12.37 30.79 10.63
C LYS F 53 -12.69 32.11 9.90
N GLU F 54 -11.86 33.14 10.08
CA GLU F 54 -12.14 34.48 9.47
C GLU F 54 -12.01 34.40 7.94
N ALA F 55 -11.01 33.69 7.43
CA ALA F 55 -10.78 33.51 5.98
C ALA F 55 -12.01 32.82 5.35
N VAL F 56 -12.52 31.77 6.02
CA VAL F 56 -13.71 31.01 5.50
C VAL F 56 -14.91 31.97 5.49
N ALA F 57 -15.10 32.74 6.55
CA ALA F 57 -16.23 33.68 6.70
C ALA F 57 -16.20 34.74 5.58
N LYS F 58 -15.01 35.18 5.15
CA LYS F 58 -14.86 36.23 4.11
C LYS F 58 -14.95 35.65 2.70
N SER F 59 -14.65 34.39 2.47
CA SER F 59 -14.43 33.90 1.08
C SER F 59 -15.41 32.79 0.68
N LEU F 60 -16.00 32.03 1.60
CA LEU F 60 -16.75 30.81 1.23
C LEU F 60 -18.18 30.81 1.80
N LEU F 61 -18.42 31.33 3.00
CA LEU F 61 -19.72 31.16 3.67
C LEU F 61 -20.83 31.93 2.95
N TYR F 62 -22.06 31.43 3.07
CA TYR F 62 -23.27 32.14 2.59
C TYR F 62 -23.20 32.27 1.06
N SER F 63 -22.70 31.25 0.39
CA SER F 63 -22.58 31.23 -1.08
C SER F 63 -23.11 29.89 -1.59
N ASP F 64 -23.13 29.71 -2.90
CA ASP F 64 -23.54 28.45 -3.53
C ASP F 64 -22.61 27.33 -3.06
N ILE F 65 -21.37 27.64 -2.65
CA ILE F 65 -20.37 26.59 -2.29
CA ILE F 65 -20.40 26.54 -2.32
C ILE F 65 -20.84 25.83 -1.03
N THR F 66 -21.49 26.49 -0.08
CA THR F 66 -21.91 25.81 1.20
C THR F 66 -23.37 25.33 1.12
N ARG F 67 -24.12 25.77 0.12
CA ARG F 67 -25.55 25.37 -0.05
C ARG F 67 -25.60 24.01 -0.73
N PRO F 68 -26.73 23.28 -0.62
CA PRO F 68 -26.92 22.03 -1.36
C PRO F 68 -26.45 22.15 -2.81
N GLY F 69 -25.66 21.18 -3.26
CA GLY F 69 -25.09 21.17 -4.62
C GLY F 69 -23.72 21.81 -4.71
N GLY F 70 -23.26 22.51 -3.66
CA GLY F 70 -21.90 23.08 -3.66
C GLY F 70 -20.93 22.11 -3.03
N MET F 72 -18.78 22.40 -0.69
CA MET F 72 -18.62 22.41 0.76
C MET F 72 -19.91 21.99 1.49
N TYR F 73 -20.96 21.58 0.76
CA TYR F 73 -22.21 21.10 1.41
C TYR F 73 -22.00 19.66 1.92
N THR F 74 -22.70 19.33 3.01
CA THR F 74 -22.50 18.12 3.87
C THR F 74 -21.38 18.41 4.86
N THR F 75 -21.56 17.98 6.11
CA THR F 75 -20.62 18.23 7.21
C THR F 75 -19.26 17.62 6.86
N ARG F 76 -19.25 16.50 6.13
CA ARG F 76 -18.02 15.77 5.78
C ARG F 76 -17.17 16.69 4.88
N ARG F 77 -17.78 17.27 3.87
CA ARG F 77 -17.05 18.13 2.90
C ARG F 77 -16.66 19.45 3.59
N TYR F 78 -17.54 20.01 4.42
CA TYR F 78 -17.20 21.24 5.15
C TYR F 78 -15.90 20.98 5.95
N ALA F 79 -15.87 19.88 6.71
CA ALA F 79 -14.74 19.51 7.59
C ALA F 79 -13.47 19.25 6.76
N ALA F 80 -13.57 18.57 5.63
CA ALA F 80 -12.40 18.28 4.77
C ALA F 80 -11.81 19.61 4.26
N CYS F 81 -12.67 20.54 3.86
CA CYS F 81 -12.27 21.86 3.32
C CYS F 81 -11.50 22.64 4.39
N ILE F 82 -12.02 22.78 5.61
CA ILE F 82 -11.33 23.60 6.63
C ILE F 82 -10.04 22.87 7.09
N ARG F 83 -10.04 21.54 7.06
CA ARG F 83 -8.80 20.75 7.31
C ARG F 83 -7.76 21.13 6.26
N ASP F 84 -8.13 21.20 4.98
CA ASP F 84 -7.19 21.57 3.88
C ASP F 84 -6.64 22.97 4.13
N LEU F 85 -7.48 23.90 4.58
CA LEU F 85 -7.04 25.29 4.84
C LEU F 85 -6.11 25.28 6.05
N ASP F 86 -6.38 24.47 7.09
CA ASP F 86 -5.47 24.32 8.25
CA ASP F 86 -5.42 24.45 8.22
C ASP F 86 -4.10 23.81 7.75
N TYR F 87 -4.11 22.84 6.83
CA TYR F 87 -2.85 22.28 6.26
C TYR F 87 -2.08 23.41 5.54
N TYR F 88 -2.73 24.18 4.67
CA TYR F 88 -2.05 25.26 3.90
C TYR F 88 -1.41 26.25 4.88
N LEU F 89 -2.12 26.64 5.94
CA LEU F 89 -1.57 27.65 6.90
C LEU F 89 -0.35 27.04 7.63
N ARG F 90 -0.47 25.81 8.12
CA ARG F 90 0.58 25.15 8.93
C ARG F 90 1.81 24.97 8.04
N TYR F 91 1.65 24.43 6.82
CA TYR F 91 2.81 24.16 5.92
C TYR F 91 3.42 25.47 5.40
N ALA F 92 2.62 26.49 5.09
CA ALA F 92 3.15 27.80 4.65
C ALA F 92 3.99 28.39 5.78
N THR F 93 3.60 28.17 7.04
CA THR F 93 4.33 28.71 8.21
C THR F 93 5.66 27.97 8.34
N TYR F 94 5.65 26.62 8.22
CA TYR F 94 6.92 25.85 8.16
C TYR F 94 7.85 26.43 7.06
N ALA F 95 7.34 26.61 5.85
CA ALA F 95 8.12 27.04 4.67
C ALA F 95 8.70 28.43 4.93
N MET F 96 7.92 29.30 5.54
CA MET F 96 8.36 30.67 5.89
C MET F 96 9.49 30.60 6.92
N LEU F 97 9.37 29.76 7.96
CA LEU F 97 10.46 29.59 8.95
C LEU F 97 11.74 29.09 8.25
N ALA F 98 11.60 28.12 7.36
CA ALA F 98 12.70 27.49 6.62
C ALA F 98 13.32 28.48 5.62
N GLY F 99 12.54 29.46 5.16
CA GLY F 99 12.89 30.34 4.03
C GLY F 99 13.14 29.55 2.76
N ASP F 100 12.33 28.51 2.55
CA ASP F 100 12.51 27.54 1.45
C ASP F 100 11.18 26.85 1.19
N PRO F 101 10.75 26.76 -0.08
CA PRO F 101 9.46 26.15 -0.41
C PRO F 101 9.47 24.63 -0.62
N SER F 102 10.63 23.97 -0.44
CA SER F 102 10.81 22.52 -0.72
C SER F 102 9.80 21.69 0.10
N ILE F 103 9.54 22.04 1.36
CA ILE F 103 8.55 21.27 2.18
C ILE F 103 7.17 21.28 1.47
N LEU F 104 6.82 22.33 0.76
CA LEU F 104 5.51 22.44 0.06
C LEU F 104 5.47 21.43 -1.10
N ASP F 105 6.54 21.35 -1.90
CA ASP F 105 6.62 20.39 -3.02
C ASP F 105 6.53 18.96 -2.49
N GLU F 106 7.17 18.67 -1.36
CA GLU F 106 7.31 17.28 -0.87
CA GLU F 106 7.32 17.27 -0.87
C GLU F 106 6.08 16.86 -0.08
N ARG F 107 5.51 17.75 0.73
CA ARG F 107 4.47 17.35 1.72
C ARG F 107 3.07 17.89 1.41
N VAL F 108 2.92 18.83 0.47
CA VAL F 108 1.59 19.43 0.18
C VAL F 108 1.18 19.14 -1.27
N LEU F 109 2.05 19.46 -2.25
CA LEU F 109 1.65 19.71 -3.66
C LEU F 109 1.73 18.46 -4.53
N ASN F 110 2.41 17.42 -4.09
CA ASN F 110 2.74 16.25 -4.97
C ASN F 110 1.43 15.45 -5.22
N GLY F 111 0.82 15.61 -6.40
CA GLY F 111 -0.44 14.94 -6.76
C GLY F 111 -1.70 15.62 -6.19
N LEU F 112 -1.56 16.84 -5.68
CA LEU F 112 -2.70 17.54 -5.04
C LEU F 112 -3.68 17.99 -6.12
N LYS F 113 -3.21 18.68 -7.15
CA LYS F 113 -4.07 19.13 -8.28
C LYS F 113 -4.86 17.92 -8.82
N GLU F 114 -4.21 16.78 -8.99
CA GLU F 114 -4.81 15.57 -9.63
C GLU F 114 -5.89 15.05 -8.70
N THR F 115 -5.63 15.07 -7.40
CA THR F 115 -6.61 14.66 -6.37
C THR F 115 -7.84 15.57 -6.45
N TYR F 116 -7.63 16.89 -6.40
CA TYR F 116 -8.76 17.84 -6.44
C TYR F 116 -9.55 17.57 -7.73
N ASN F 117 -8.85 17.41 -8.86
CA ASN F 117 -9.51 17.25 -10.17
C ASN F 117 -10.33 15.95 -10.17
N SER F 118 -9.82 14.86 -9.59
CA SER F 118 -10.53 13.57 -9.62
C SER F 118 -11.78 13.64 -8.72
N LEU F 119 -11.77 14.46 -7.65
CA LEU F 119 -12.88 14.52 -6.68
C LEU F 119 -13.89 15.62 -7.06
N GLY F 120 -13.54 16.52 -7.98
CA GLY F 120 -14.39 17.69 -8.29
C GLY F 120 -14.28 18.81 -7.24
N VAL F 121 -13.20 18.90 -6.49
CA VAL F 121 -12.91 20.05 -5.58
C VAL F 121 -12.56 21.26 -6.43
N PRO F 122 -13.29 22.39 -6.31
CA PRO F 122 -13.07 23.55 -7.16
C PRO F 122 -11.79 24.30 -6.79
N VAL F 123 -10.85 24.34 -7.72
CA VAL F 123 -9.51 24.97 -7.53
C VAL F 123 -9.68 26.49 -7.44
N GLY F 124 -10.52 27.11 -8.26
CA GLY F 124 -10.75 28.57 -8.22
C GLY F 124 -11.16 29.03 -6.83
N ALA F 125 -12.15 28.37 -6.23
CA ALA F 125 -12.66 28.72 -4.89
C ALA F 125 -11.57 28.43 -3.85
N THR F 126 -10.76 27.37 -4.03
CA THR F 126 -9.66 27.07 -3.09
C THR F 126 -8.66 28.23 -3.12
N VAL F 127 -8.30 28.70 -4.31
CA VAL F 127 -7.33 29.83 -4.44
C VAL F 127 -7.92 31.10 -3.81
N GLN F 128 -9.22 31.35 -3.95
CA GLN F 128 -9.87 32.50 -3.29
C GLN F 128 -9.76 32.36 -1.77
N ALA F 129 -9.94 31.14 -1.24
CA ALA F 129 -9.85 30.92 0.22
C ALA F 129 -8.40 31.16 0.69
N ILE F 130 -7.42 30.71 -0.08
CA ILE F 130 -5.97 30.91 0.24
C ILE F 130 -5.67 32.41 0.23
N GLN F 131 -6.24 33.14 -0.73
CA GLN F 131 -6.05 34.61 -0.80
C GLN F 131 -6.63 35.25 0.46
N ALA F 132 -7.81 34.81 0.93
CA ALA F 132 -8.39 35.29 2.21
C ALA F 132 -7.45 34.93 3.39
N ILE F 133 -6.92 33.71 3.44
CA ILE F 133 -5.96 33.32 4.52
C ILE F 133 -4.75 34.28 4.48
N LYS F 134 -4.25 34.58 3.29
CA LYS F 134 -3.09 35.50 3.15
C LYS F 134 -3.44 36.86 3.76
N GLU F 135 -4.61 37.42 3.45
CA GLU F 135 -5.04 38.76 3.95
C GLU F 135 -5.27 38.72 5.47
N VAL F 136 -5.90 37.69 6.01
CA VAL F 136 -6.17 37.61 7.48
C VAL F 136 -4.83 37.44 8.20
N THR F 137 -3.95 36.57 7.73
CA THR F 137 -2.59 36.41 8.30
C THR F 137 -1.86 37.75 8.34
N ALA F 138 -1.85 38.49 7.24
CA ALA F 138 -1.18 39.80 7.10
C ALA F 138 -1.72 40.77 8.15
N SER F 139 -3.02 40.76 8.43
CA SER F 139 -3.66 41.67 9.43
CA SER F 139 -3.65 41.68 9.43
C SER F 139 -3.08 41.40 10.82
N LEU F 140 -2.61 40.17 11.08
CA LEU F 140 -2.10 39.81 12.43
C LEU F 140 -0.59 40.00 12.53
N VAL F 141 0.18 39.63 11.49
CA VAL F 141 1.66 39.57 11.57
C VAL F 141 2.27 40.87 11.03
N GLY F 142 1.48 41.69 10.35
CA GLY F 142 1.93 42.97 9.79
C GLY F 142 2.23 42.83 8.31
N PRO F 143 2.35 43.95 7.57
CA PRO F 143 2.46 43.89 6.11
C PRO F 143 3.70 43.17 5.57
N ASP F 144 4.84 43.35 6.21
CA ASP F 144 6.15 42.81 5.77
C ASP F 144 6.15 41.29 5.99
N ALA F 145 5.83 40.81 7.20
CA ALA F 145 5.66 39.36 7.44
C ALA F 145 4.50 38.80 6.57
N GLY F 146 3.46 39.59 6.34
CA GLY F 146 2.33 39.21 5.48
C GLY F 146 2.74 38.96 4.02
N LYS F 147 3.63 39.78 3.48
CA LYS F 147 4.21 39.61 2.13
C LYS F 147 5.05 38.31 2.09
N GLU F 148 5.89 38.07 3.09
CA GLU F 148 6.75 36.84 3.12
C GLU F 148 5.83 35.61 3.19
N MET F 149 4.82 35.62 4.06
CA MET F 149 3.83 34.51 4.10
C MET F 149 3.16 34.36 2.72
N GLY F 150 2.84 35.47 2.08
CA GLY F 150 2.14 35.51 0.78
C GLY F 150 2.94 34.81 -0.31
N VAL F 151 4.27 34.86 -0.24
CA VAL F 151 5.15 34.12 -1.18
C VAL F 151 4.77 32.62 -1.10
N TYR F 152 4.62 32.08 0.10
CA TYR F 152 4.37 30.64 0.30
C TYR F 152 2.91 30.29 -0.02
N PHE F 153 1.96 31.18 0.31
CA PHE F 153 0.53 30.95 -0.05
C PHE F 153 0.42 30.91 -1.58
N ASP F 154 1.08 31.86 -2.25
CA ASP F 154 1.08 31.95 -3.75
C ASP F 154 1.73 30.70 -4.35
N TYR F 155 2.77 30.16 -3.73
CA TYR F 155 3.45 28.91 -4.16
C TYR F 155 2.44 27.76 -4.13
N ILE F 156 1.65 27.64 -3.06
CA ILE F 156 0.61 26.59 -2.96
C ILE F 156 -0.43 26.80 -4.08
N CYS F 157 -0.97 28.01 -4.22
CA CYS F 157 -1.96 28.31 -5.29
C CYS F 157 -1.45 27.96 -6.67
N SER F 158 -0.22 28.34 -7.00
CA SER F 158 0.41 28.03 -8.31
C SER F 158 0.48 26.52 -8.51
N GLY F 159 0.77 25.78 -7.45
CA GLY F 159 0.87 24.30 -7.47
C GLY F 159 -0.47 23.64 -7.76
N LEU F 160 -1.58 24.35 -7.53
CA LEU F 160 -2.95 23.81 -7.78
C LEU F 160 -3.37 24.15 -9.23
N SER F 161 -2.66 25.08 -9.85
CA SER F 161 -3.03 25.67 -11.16
C SER F 161 -2.34 24.88 -12.28
#